data_5FLV
#
_entry.id   5FLV
#
_cell.length_a   58.080
_cell.length_b   158.620
_cell.length_c   87.860
_cell.angle_alpha   90.00
_cell.angle_beta   89.95
_cell.angle_gamma   90.00
#
_symmetry.space_group_name_H-M   'P 1 21 1'
#
loop_
_entity.id
_entity.type
_entity.pdbx_description
1 polymer 'HOMEOBOX PROTEIN NKX-2.5, T-BOX TRANSCRIPTION FACTOR TBX5'
2 polymer "5'-D(*TP*CP*TP*TP*CP*TP*CP*AP*CP*AP*CP*CP*TP*TP *TP*GP*AP*AP*GP*TP*GP*G)-3'"
3 polymer "5'-D(*AP*CP*CP*AP*CP*TP*TP*CP*AP*AP*AP*GP*GP*TP *GP*TP*GP*AP*GP*AP*AP*G)-3'"
4 non-polymer 'TETRAETHYLENE GLYCOL'
#
loop_
_entity_poly.entity_id
_entity_poly.type
_entity_poly.pdbx_seq_one_letter_code
_entity_poly.pdbx_strand_id
1 'polypeptide(L)'
;GAMGARRRRKPRVLFSQAQVYELERRFKQQRYLSAPERDQLASVLKLTSTQVKIWFQNRRYKSKRQRQSSSSSSSSSSSS
SSSAMEGIKVFLHERELWLKFHEVGTEMIITKAGRRMFPSYKVKVTGLNPKTKYILLMDIVPADDHRYKFADNKWSVTGK
AEPAMPGRLYVHPDSPATGAHWMRQLVSFQKLKLTNNHLDPFGHIILNSMHKYQPRLHIVKADENNGFGSKNTAFSTHVF
PETAFIAVTSYQNHKITQLKIENNPFAKGFRGSDDLELHRMSRMQ
;
A,E,I,M
2 'polydeoxyribonucleotide'
;(DT)(DC)(DT)(DT)(DC)(DT)(DC)(DA)(DC)(DA)(DC)(DC)(DT)(DT)(DT)(DG)(DA)(DA)(DG)(DT)
(DG)(DG)
;
B,F,J,N
3 'polydeoxyribonucleotide'
;(DA)(DC)(DC)(DA)(DC)(DT)(DT)(DC)(DA)(DA)(DA)(DG)(DG)(DT)(DG)(DT)(DG)(DA)(DG)(DA)
(DA)(DG)
;
C,G,K,O
#
loop_
_chem_comp.id
_chem_comp.type
_chem_comp.name
_chem_comp.formula
DA DNA linking 2'-DEOXYADENOSINE-5'-MONOPHOSPHATE 'C10 H14 N5 O6 P'
DC DNA linking 2'-DEOXYCYTIDINE-5'-MONOPHOSPHATE 'C9 H14 N3 O7 P'
DG DNA linking 2'-DEOXYGUANOSINE-5'-MONOPHOSPHATE 'C10 H14 N5 O7 P'
DT DNA linking THYMIDINE-5'-MONOPHOSPHATE 'C10 H15 N2 O8 P'
PG4 non-polymer 'TETRAETHYLENE GLYCOL' 'C8 H18 O5'
#
# COMPACT_ATOMS: atom_id res chain seq x y z
N PRO A 11 31.48 -22.94 7.78
CA PRO A 11 30.35 -23.29 6.90
C PRO A 11 29.39 -22.12 6.71
N ARG A 12 28.64 -22.14 5.61
CA ARG A 12 27.71 -21.07 5.29
C ARG A 12 26.26 -21.58 5.30
N VAL A 13 25.38 -20.78 5.90
CA VAL A 13 23.98 -21.17 6.01
C VAL A 13 23.08 -20.21 5.25
N LEU A 14 22.20 -20.76 4.42
CA LEU A 14 21.28 -19.94 3.65
C LEU A 14 19.85 -20.26 4.07
N PHE A 15 18.94 -19.31 3.89
CA PHE A 15 17.53 -19.56 4.17
C PHE A 15 16.77 -19.81 2.88
N SER A 16 15.58 -20.38 2.99
CA SER A 16 14.75 -20.66 1.83
C SER A 16 14.15 -19.37 1.32
N GLN A 17 13.72 -19.36 0.07
CA GLN A 17 13.06 -18.19 -0.48
C GLN A 17 11.80 -17.94 0.32
N ALA A 18 11.16 -19.03 0.73
CA ALA A 18 9.95 -19.00 1.54
C ALA A 18 10.21 -18.37 2.90
N GLN A 19 11.22 -18.87 3.59
CA GLN A 19 11.57 -18.37 4.92
C GLN A 19 11.90 -16.89 4.86
N VAL A 20 12.74 -16.52 3.91
CA VAL A 20 13.18 -15.15 3.73
C VAL A 20 11.99 -14.24 3.44
N TYR A 21 11.17 -14.64 2.48
CA TYR A 21 10.00 -13.88 2.08
C TYR A 21 9.04 -13.65 3.24
N GLU A 22 8.81 -14.69 4.03
CA GLU A 22 7.92 -14.60 5.17
C GLU A 22 8.51 -13.67 6.22
N LEU A 23 9.83 -13.75 6.38
CA LEU A 23 10.54 -12.83 7.25
C LEU A 23 10.43 -11.41 6.73
N GLU A 24 10.42 -11.27 5.41
CA GLU A 24 10.31 -9.97 4.76
C GLU A 24 8.90 -9.40 4.89
N ARG A 25 7.90 -10.27 4.72
CA ARG A 25 6.50 -9.86 4.83
C ARG A 25 6.19 -9.31 6.22
N ARG A 26 6.75 -9.93 7.25
CA ARG A 26 6.53 -9.48 8.62
C ARG A 26 7.31 -8.22 8.93
N PHE A 27 8.52 -8.11 8.41
CA PHE A 27 9.35 -6.95 8.67
C PHE A 27 8.70 -5.70 8.11
N LYS A 28 7.96 -5.87 7.02
CA LYS A 28 7.23 -4.76 6.40
C LYS A 28 6.02 -4.35 7.25
N GLN A 29 5.70 -5.18 8.24
CA GLN A 29 4.59 -4.92 9.15
C GLN A 29 5.10 -4.46 10.52
N GLN A 30 6.06 -5.22 11.06
CA GLN A 30 6.66 -4.93 12.35
C GLN A 30 8.19 -4.89 12.22
N ARG A 31 8.79 -3.82 12.71
CA ARG A 31 10.24 -3.67 12.61
C ARG A 31 10.93 -4.39 13.75
N TYR A 32 10.22 -4.51 14.88
CA TYR A 32 10.71 -5.22 16.06
C TYR A 32 9.76 -6.33 16.48
N LEU A 33 10.33 -7.39 17.05
CA LEU A 33 9.52 -8.50 17.53
C LEU A 33 9.76 -8.75 19.01
N SER A 34 8.82 -9.44 19.64
CA SER A 34 8.95 -9.82 21.03
C SER A 34 9.17 -11.32 21.11
N ALA A 35 9.70 -11.78 22.25
CA ALA A 35 9.98 -13.20 22.45
C ALA A 35 8.82 -14.10 22.02
N PRO A 36 7.57 -13.77 22.44
CA PRO A 36 6.50 -14.63 21.93
C PRO A 36 6.29 -14.51 20.43
N GLU A 37 6.36 -13.28 19.91
CA GLU A 37 6.22 -13.04 18.48
C GLU A 37 7.39 -13.66 17.72
N ARG A 38 8.57 -13.64 18.35
CA ARG A 38 9.77 -14.22 17.76
C ARG A 38 9.69 -15.74 17.71
N ASP A 39 9.24 -16.33 18.81
CA ASP A 39 9.14 -17.78 18.92
C ASP A 39 8.15 -18.38 17.92
N GLN A 40 6.93 -17.84 17.89
CA GLN A 40 5.88 -18.37 17.02
C GLN A 40 6.28 -18.36 15.57
N LEU A 41 6.99 -17.31 15.15
CA LEU A 41 7.39 -17.17 13.76
C LEU A 41 8.47 -18.20 13.42
N ALA A 42 9.36 -18.46 14.37
CA ALA A 42 10.44 -19.41 14.17
C ALA A 42 9.90 -20.81 13.88
N SER A 43 8.97 -21.27 14.72
CA SER A 43 8.38 -22.60 14.58
C SER A 43 7.63 -22.72 13.26
N VAL A 44 6.95 -21.65 12.86
CA VAL A 44 6.26 -21.62 11.57
C VAL A 44 7.30 -21.72 10.46
N LEU A 45 8.38 -20.98 10.62
CA LEU A 45 9.47 -20.96 9.64
C LEU A 45 10.45 -22.12 9.81
N LYS A 46 10.16 -23.00 10.78
CA LYS A 46 11.00 -24.16 11.05
C LYS A 46 12.44 -23.75 11.36
N LEU A 47 12.61 -22.64 12.06
CA LEU A 47 13.92 -22.18 12.46
C LEU A 47 13.97 -21.98 13.97
N THR A 48 15.15 -21.65 14.49
CA THR A 48 15.29 -21.39 15.92
C THR A 48 15.00 -19.92 16.20
N SER A 49 14.67 -19.61 17.45
CA SER A 49 14.34 -18.24 17.84
C SER A 49 15.54 -17.32 17.69
N THR A 50 16.74 -17.86 17.90
CA THR A 50 17.96 -17.07 17.80
C THR A 50 18.22 -16.60 16.37
N GLN A 51 18.05 -17.51 15.40
CA GLN A 51 18.27 -17.16 14.00
C GLN A 51 17.30 -16.07 13.56
N VAL A 52 16.07 -16.15 14.03
CA VAL A 52 15.06 -15.14 13.75
C VAL A 52 15.49 -13.83 14.41
N LYS A 53 15.93 -13.94 15.66
CA LYS A 53 16.43 -12.82 16.44
C LYS A 53 17.51 -12.05 15.68
N ILE A 54 18.54 -12.78 15.26
CA ILE A 54 19.64 -12.19 14.51
C ILE A 54 19.17 -11.54 13.22
N TRP A 55 18.29 -12.22 12.49
CA TRP A 55 17.80 -11.74 11.20
C TRP A 55 17.20 -10.34 11.28
N PHE A 56 16.26 -10.15 12.20
CA PHE A 56 15.61 -8.86 12.37
C PHE A 56 16.60 -7.78 12.72
N GLN A 57 17.55 -8.11 13.59
CA GLN A 57 18.64 -7.19 13.92
C GLN A 57 19.38 -6.81 12.65
N ASN A 58 19.76 -7.83 11.87
CA ASN A 58 20.46 -7.64 10.61
C ASN A 58 19.61 -6.90 9.59
N ARG A 59 18.33 -7.24 9.55
CA ARG A 59 17.41 -6.64 8.59
C ARG A 59 17.19 -5.14 8.78
N ARG A 60 17.25 -4.67 10.02
CA ARG A 60 17.00 -3.26 10.29
C ARG A 60 17.99 -2.33 9.58
N TYR A 61 19.18 -2.83 9.28
CA TYR A 61 20.17 -2.06 8.54
C TYR A 61 20.61 -2.86 7.30
N LYS A 62 20.42 -2.32 6.10
CA LYS A 62 19.97 -0.95 5.84
C LYS A 62 18.49 -0.69 6.16
N GLY A 87 1.79 16.12 -13.95
CA GLY A 87 3.21 16.36 -14.17
C GLY A 87 4.09 15.42 -13.39
N ILE A 88 4.80 14.56 -14.11
CA ILE A 88 5.71 13.59 -13.50
C ILE A 88 7.07 13.66 -14.19
N LYS A 89 8.14 13.71 -13.40
CA LYS A 89 9.46 13.86 -13.99
C LYS A 89 10.39 12.70 -13.61
N VAL A 90 10.98 12.09 -14.63
CA VAL A 90 11.87 10.95 -14.47
C VAL A 90 13.27 11.29 -14.93
N PHE A 91 14.27 10.92 -14.13
CA PHE A 91 15.65 11.28 -14.45
C PHE A 91 16.54 10.04 -14.55
N LEU A 92 17.19 9.88 -15.69
CA LEU A 92 18.11 8.77 -15.86
C LEU A 92 19.45 9.09 -15.21
N HIS A 93 19.84 8.34 -14.19
CA HIS A 93 21.12 8.58 -13.54
C HIS A 93 22.29 7.99 -14.31
N GLU A 94 23.46 8.56 -14.09
CA GLU A 94 24.69 8.17 -14.78
C GLU A 94 24.50 8.23 -16.28
N ARG A 95 23.79 9.26 -16.73
CA ARG A 95 23.52 9.48 -18.14
C ARG A 95 24.82 9.63 -18.93
N GLU A 96 25.83 10.19 -18.27
CA GLU A 96 27.13 10.43 -18.91
C GLU A 96 27.71 9.13 -19.43
N LEU A 97 27.61 8.07 -18.65
CA LEU A 97 28.14 6.77 -19.05
C LEU A 97 27.38 6.22 -20.26
N TRP A 98 26.07 6.43 -20.27
CA TRP A 98 25.26 6.01 -21.41
C TRP A 98 25.67 6.71 -22.69
N LEU A 99 25.90 8.01 -22.61
CA LEU A 99 26.32 8.81 -23.76
C LEU A 99 27.67 8.31 -24.29
N LYS A 100 28.52 7.88 -23.37
CA LYS A 100 29.80 7.28 -23.74
C LYS A 100 29.56 6.05 -24.60
N PHE A 101 28.68 5.16 -24.13
CA PHE A 101 28.29 3.99 -24.90
C PHE A 101 27.50 4.35 -26.14
N HIS A 102 26.64 5.36 -26.01
CA HIS A 102 25.70 5.72 -27.07
C HIS A 102 26.41 6.19 -28.34
N GLU A 103 27.39 7.07 -28.17
CA GLU A 103 28.10 7.64 -29.32
C GLU A 103 28.96 6.60 -30.03
N VAL A 104 29.18 5.46 -29.39
CA VAL A 104 29.93 4.37 -29.99
C VAL A 104 28.99 3.36 -30.65
N GLY A 105 27.82 3.19 -30.05
CA GLY A 105 26.84 2.24 -30.54
C GLY A 105 26.59 1.16 -29.51
N THR A 106 25.59 1.38 -28.65
CA THR A 106 25.33 0.50 -27.52
C THR A 106 24.99 -0.93 -27.94
N GLU A 107 25.81 -1.88 -27.48
CA GLU A 107 25.59 -3.29 -27.74
C GLU A 107 25.24 -3.99 -26.43
N MET A 108 24.32 -4.94 -26.49
CA MET A 108 23.91 -5.68 -25.29
C MET A 108 24.00 -7.18 -25.49
N ILE A 109 24.63 -7.86 -24.53
CA ILE A 109 24.76 -9.31 -24.60
C ILE A 109 23.49 -9.98 -24.12
N ILE A 110 23.00 -10.94 -24.89
CA ILE A 110 21.86 -11.75 -24.48
C ILE A 110 22.26 -13.22 -24.39
N THR A 111 21.87 -13.88 -23.31
CA THR A 111 22.18 -15.28 -23.11
C THR A 111 20.91 -16.10 -22.96
N LYS A 112 21.02 -17.41 -23.14
CA LYS A 112 19.89 -18.31 -22.94
C LYS A 112 19.41 -18.24 -21.50
N ALA A 113 20.36 -18.17 -20.57
CA ALA A 113 20.05 -18.13 -19.15
C ALA A 113 19.53 -16.76 -18.72
N GLY A 114 19.88 -15.73 -19.48
CA GLY A 114 19.54 -14.37 -19.11
C GLY A 114 20.76 -13.55 -18.77
N ARG A 115 20.76 -12.29 -19.21
CA ARG A 115 21.94 -11.44 -19.04
C ARG A 115 21.58 -10.04 -18.53
N ARG A 116 22.37 -9.53 -17.60
CA ARG A 116 22.16 -8.18 -17.06
C ARG A 116 22.46 -7.12 -18.12
N MET A 117 21.90 -5.93 -17.91
CA MET A 117 22.17 -4.79 -18.79
C MET A 117 23.29 -3.93 -18.22
N PHE A 118 24.27 -3.59 -19.05
CA PHE A 118 25.23 -2.58 -18.64
C PHE A 118 25.34 -1.49 -19.69
N PRO A 119 25.17 -0.22 -19.28
CA PRO A 119 24.95 0.24 -17.90
C PRO A 119 23.58 -0.16 -17.34
N SER A 120 23.46 -0.16 -16.02
CA SER A 120 22.21 -0.52 -15.36
C SER A 120 21.21 0.63 -15.49
N TYR A 121 19.97 0.28 -15.79
CA TYR A 121 18.92 1.28 -16.01
C TYR A 121 18.37 1.80 -14.69
N LYS A 122 19.08 2.75 -14.07
CA LYS A 122 18.61 3.34 -12.82
C LYS A 122 18.01 4.72 -13.06
N VAL A 123 16.88 4.99 -12.43
CA VAL A 123 16.21 6.26 -12.59
C VAL A 123 15.72 6.85 -11.28
N LYS A 124 15.59 8.18 -11.25
CA LYS A 124 14.93 8.86 -10.16
C LYS A 124 13.61 9.44 -10.64
N VAL A 125 12.56 9.24 -9.84
CA VAL A 125 11.24 9.71 -10.22
C VAL A 125 10.74 10.79 -9.25
N THR A 126 10.09 11.81 -9.80
CA THR A 126 9.58 12.93 -9.02
C THR A 126 8.22 13.36 -9.54
N GLY A 127 7.39 13.91 -8.66
CA GLY A 127 6.08 14.40 -9.05
C GLY A 127 5.00 13.36 -8.87
N LEU A 128 5.27 12.37 -8.02
CA LEU A 128 4.30 11.32 -7.75
C LEU A 128 3.44 11.64 -6.55
N ASN A 129 2.32 10.92 -6.41
CA ASN A 129 1.45 11.05 -5.26
C ASN A 129 1.91 10.13 -4.13
N PRO A 130 2.33 10.72 -2.99
CA PRO A 130 2.89 9.99 -1.85
C PRO A 130 1.94 8.92 -1.32
N LYS A 131 0.64 9.20 -1.30
CA LYS A 131 -0.34 8.23 -0.82
C LYS A 131 -0.68 7.17 -1.87
N THR A 132 -0.80 7.61 -3.12
CA THR A 132 -1.20 6.72 -4.20
C THR A 132 -0.15 5.65 -4.48
N LYS A 133 -0.62 4.41 -4.62
CA LYS A 133 0.24 3.28 -4.91
C LYS A 133 0.47 3.19 -6.42
N TYR A 134 1.73 2.96 -6.82
CA TYR A 134 2.06 2.88 -8.23
C TYR A 134 2.68 1.53 -8.59
N ILE A 135 2.82 1.30 -9.90
CA ILE A 135 3.48 0.12 -10.40
C ILE A 135 4.50 0.48 -11.47
N LEU A 136 5.78 0.23 -11.19
CA LEU A 136 6.82 0.49 -12.16
C LEU A 136 7.22 -0.78 -12.89
N LEU A 137 7.33 -0.66 -14.21
CA LEU A 137 7.70 -1.80 -15.04
C LEU A 137 8.50 -1.32 -16.23
N MET A 138 9.25 -2.23 -16.84
CA MET A 138 10.01 -1.89 -18.03
C MET A 138 9.65 -2.80 -19.18
N ASP A 139 9.92 -2.32 -20.40
CA ASP A 139 9.79 -3.14 -21.59
C ASP A 139 10.74 -2.62 -22.66
N ILE A 140 11.06 -3.48 -23.62
CA ILE A 140 12.01 -3.12 -24.66
C ILE A 140 11.42 -3.37 -26.04
N VAL A 141 11.24 -2.29 -26.79
CA VAL A 141 10.63 -2.38 -28.10
C VAL A 141 11.68 -2.24 -29.19
N PRO A 142 11.41 -2.82 -30.38
CA PRO A 142 12.33 -2.70 -31.51
C PRO A 142 12.58 -1.25 -31.88
N ALA A 143 13.84 -0.93 -32.22
CA ALA A 143 14.17 0.44 -32.60
C ALA A 143 13.70 0.71 -34.02
N ASP A 144 13.98 -0.22 -34.92
CA ASP A 144 13.63 -0.06 -36.33
C ASP A 144 13.06 -1.35 -36.91
N ASP A 145 13.21 -1.52 -38.22
CA ASP A 145 12.72 -2.72 -38.91
C ASP A 145 13.83 -3.37 -39.69
N HIS A 146 15.07 -3.16 -39.24
CA HIS A 146 16.23 -3.66 -39.95
C HIS A 146 17.00 -4.71 -39.16
N ARG A 147 17.70 -5.59 -39.87
CA ARG A 147 18.61 -6.55 -39.25
C ARG A 147 20.05 -6.19 -39.61
N TYR A 148 20.85 -5.88 -38.60
CA TYR A 148 22.22 -5.41 -38.84
C TYR A 148 23.27 -6.51 -38.78
N LYS A 149 24.46 -6.19 -39.27
CA LYS A 149 25.63 -7.02 -39.12
C LYS A 149 26.86 -6.12 -39.00
N PHE A 150 27.95 -6.64 -38.42
CA PHE A 150 29.12 -5.82 -38.15
C PHE A 150 30.36 -6.30 -38.90
N ALA A 151 30.80 -5.51 -39.87
CA ALA A 151 32.01 -5.83 -40.63
C ALA A 151 32.79 -4.56 -40.96
N ASP A 152 34.11 -4.62 -40.81
CA ASP A 152 34.98 -3.49 -41.10
C ASP A 152 34.59 -2.24 -40.31
N ASN A 153 34.45 -2.40 -38.99
CA ASN A 153 34.07 -1.31 -38.10
C ASN A 153 32.81 -0.58 -38.54
N LYS A 154 31.81 -1.34 -39.00
CA LYS A 154 30.61 -0.73 -39.56
C LYS A 154 29.38 -1.62 -39.40
N TRP A 155 28.28 -1.03 -38.97
CA TRP A 155 27.00 -1.71 -38.90
C TRP A 155 26.26 -1.54 -40.22
N SER A 156 25.62 -2.59 -40.71
CA SER A 156 24.93 -2.51 -42.00
C SER A 156 23.65 -3.33 -42.05
N VAL A 157 22.58 -2.72 -42.53
CA VAL A 157 21.31 -3.42 -42.70
C VAL A 157 21.47 -4.53 -43.73
N THR A 158 21.45 -5.77 -43.26
CA THR A 158 21.66 -6.90 -44.14
C THR A 158 20.36 -7.69 -44.35
N GLY A 159 19.24 -7.04 -44.11
CA GLY A 159 17.94 -7.67 -44.29
C GLY A 159 16.85 -7.03 -43.47
N LYS A 160 15.70 -7.69 -43.39
CA LYS A 160 14.59 -7.19 -42.60
C LYS A 160 14.64 -7.77 -41.19
N ALA A 161 14.10 -7.02 -40.22
CA ALA A 161 14.00 -7.47 -38.85
C ALA A 161 13.10 -8.71 -38.75
N GLU A 162 13.59 -9.74 -38.07
CA GLU A 162 12.81 -10.95 -37.85
C GLU A 162 11.60 -10.61 -36.99
N PRO A 163 10.53 -11.42 -37.09
CA PRO A 163 9.34 -11.17 -36.27
C PRO A 163 9.66 -11.28 -34.78
N ALA A 164 9.81 -10.14 -34.12
CA ALA A 164 10.21 -10.14 -32.72
C ALA A 164 9.05 -10.56 -31.84
N MET A 165 9.04 -11.84 -31.50
CA MET A 165 8.02 -12.41 -30.61
C MET A 165 8.70 -13.37 -29.64
N PRO A 166 8.07 -13.64 -28.49
CA PRO A 166 6.84 -13.01 -28.02
C PRO A 166 7.10 -11.66 -27.36
N GLY A 167 6.15 -11.19 -26.58
CA GLY A 167 6.31 -9.95 -25.85
C GLY A 167 6.37 -10.19 -24.36
N ARG A 168 7.30 -9.53 -23.69
CA ARG A 168 7.44 -9.66 -22.24
C ARG A 168 7.77 -8.31 -21.60
N LEU A 169 7.32 -8.14 -20.38
CA LEU A 169 7.60 -6.92 -19.63
C LEU A 169 8.42 -7.28 -18.41
N TYR A 170 9.11 -6.29 -17.85
CA TYR A 170 9.81 -6.48 -16.59
C TYR A 170 9.20 -5.57 -15.53
N VAL A 171 8.41 -6.16 -14.64
CA VAL A 171 7.82 -5.46 -13.52
C VAL A 171 8.82 -5.35 -12.37
N HIS A 172 9.07 -4.13 -11.92
CA HIS A 172 10.02 -3.87 -10.85
C HIS A 172 9.61 -4.56 -9.55
N PRO A 173 10.58 -5.19 -8.87
CA PRO A 173 10.35 -5.97 -7.63
C PRO A 173 9.54 -5.21 -6.56
N ASP A 174 9.78 -3.92 -6.44
CA ASP A 174 9.12 -3.12 -5.41
C ASP A 174 7.67 -2.78 -5.77
N SER A 175 7.22 -3.24 -6.93
CA SER A 175 5.84 -3.00 -7.34
C SER A 175 4.91 -4.05 -6.74
N PRO A 176 3.71 -3.64 -6.31
CA PRO A 176 3.28 -2.23 -6.31
C PRO A 176 3.62 -1.51 -5.01
N ALA A 177 3.93 -0.22 -5.11
CA ALA A 177 4.27 0.58 -3.94
C ALA A 177 3.74 2.01 -4.10
N THR A 178 3.66 2.73 -2.98
CA THR A 178 3.22 4.13 -3.01
C THR A 178 4.24 5.00 -3.71
N GLY A 179 3.79 6.14 -4.22
CA GLY A 179 4.68 7.07 -4.89
C GLY A 179 5.78 7.56 -3.97
N ALA A 180 5.47 7.61 -2.68
CA ALA A 180 6.42 8.04 -1.67
C ALA A 180 7.62 7.10 -1.61
N HIS A 181 7.38 5.82 -1.84
CA HIS A 181 8.45 4.82 -1.82
C HIS A 181 9.34 4.96 -3.02
N TRP A 182 8.74 5.11 -4.20
CA TRP A 182 9.49 5.25 -5.43
C TRP A 182 10.35 6.51 -5.42
N MET A 183 9.77 7.60 -4.93
CA MET A 183 10.45 8.89 -4.87
C MET A 183 11.47 8.98 -3.75
N ARG A 184 11.35 8.08 -2.79
CA ARG A 184 12.23 8.08 -1.61
C ARG A 184 13.69 8.00 -2.00
N GLN A 185 14.00 7.12 -2.96
CA GLN A 185 15.35 6.95 -3.46
C GLN A 185 15.38 6.59 -4.93
N LEU A 186 16.56 6.25 -5.44
CA LEU A 186 16.70 5.81 -6.83
C LEU A 186 15.95 4.51 -7.08
N VAL A 187 15.53 4.31 -8.31
CA VAL A 187 14.87 3.09 -8.72
C VAL A 187 15.76 2.32 -9.68
N SER A 188 16.21 1.13 -9.26
CA SER A 188 17.18 0.36 -10.03
C SER A 188 16.53 -0.79 -10.78
N PHE A 189 16.74 -0.82 -12.09
CA PHE A 189 16.27 -1.92 -12.93
C PHE A 189 17.44 -2.80 -13.33
N GLN A 190 18.40 -2.96 -12.42
CA GLN A 190 19.63 -3.70 -12.70
C GLN A 190 19.40 -5.20 -12.70
N LYS A 191 18.35 -5.64 -12.00
CA LYS A 191 18.03 -7.06 -11.93
C LYS A 191 17.41 -7.58 -13.23
N LEU A 192 16.97 -6.65 -14.08
CA LEU A 192 16.41 -7.01 -15.37
C LEU A 192 17.43 -7.79 -16.18
N LYS A 193 16.99 -8.92 -16.73
CA LYS A 193 17.87 -9.81 -17.47
C LYS A 193 17.32 -10.04 -18.89
N LEU A 194 18.23 -10.32 -19.82
CA LEU A 194 17.88 -10.43 -21.23
C LEU A 194 18.15 -11.82 -21.80
N THR A 195 17.18 -12.36 -22.54
CA THR A 195 17.35 -13.69 -23.11
C THR A 195 17.09 -13.73 -24.61
N ASN A 196 17.75 -14.67 -25.28
CA ASN A 196 17.52 -14.94 -26.69
C ASN A 196 16.63 -16.16 -26.85
N ASN A 197 16.48 -16.91 -25.77
CA ASN A 197 15.62 -18.08 -25.73
C ASN A 197 14.16 -17.69 -25.80
N HIS A 198 13.53 -17.94 -26.93
CA HIS A 198 12.13 -17.60 -27.14
C HIS A 198 11.22 -18.51 -26.30
N LEU A 199 11.80 -19.55 -25.72
CA LEU A 199 11.05 -20.47 -24.87
C LEU A 199 11.52 -20.36 -23.42
N ASP A 200 11.97 -19.17 -23.05
CA ASP A 200 12.45 -18.89 -21.69
C ASP A 200 11.38 -19.15 -20.64
N PRO A 201 11.72 -19.96 -19.62
CA PRO A 201 10.78 -20.28 -18.53
C PRO A 201 11.03 -19.45 -17.27
N PHE A 202 11.86 -18.41 -17.37
CA PHE A 202 12.21 -17.62 -16.21
C PHE A 202 11.55 -16.24 -16.18
N GLY A 203 11.03 -15.78 -17.31
CA GLY A 203 10.32 -14.53 -17.36
C GLY A 203 11.13 -13.30 -17.76
N HIS A 204 12.33 -13.53 -18.29
CA HIS A 204 13.19 -12.45 -18.74
C HIS A 204 12.69 -11.90 -20.07
N ILE A 205 12.97 -10.62 -20.33
CA ILE A 205 12.53 -9.99 -21.57
C ILE A 205 13.26 -10.59 -22.78
N ILE A 206 12.50 -11.22 -23.65
CA ILE A 206 13.07 -11.89 -24.82
C ILE A 206 13.28 -10.92 -25.99
N LEU A 207 14.48 -10.94 -26.54
CA LEU A 207 14.83 -10.08 -27.67
C LEU A 207 15.42 -10.90 -28.82
N ASN A 208 15.50 -10.30 -30.00
CA ASN A 208 16.13 -10.96 -31.14
C ASN A 208 17.55 -10.46 -31.32
N SER A 209 18.49 -11.39 -31.42
CA SER A 209 19.89 -11.03 -31.58
C SER A 209 20.11 -10.35 -32.92
N MET A 210 21.15 -9.50 -32.99
CA MET A 210 21.47 -8.72 -34.19
C MET A 210 20.31 -7.82 -34.59
N HIS A 211 19.57 -7.34 -33.59
CA HIS A 211 18.49 -6.41 -33.82
C HIS A 211 18.56 -5.26 -32.82
N LYS A 212 18.21 -4.06 -33.27
CA LYS A 212 18.30 -2.87 -32.45
C LYS A 212 17.03 -2.70 -31.60
N TYR A 213 17.20 -2.31 -30.35
CA TYR A 213 16.09 -2.21 -29.41
C TYR A 213 16.10 -0.95 -28.55
N GLN A 214 14.92 -0.52 -28.13
CA GLN A 214 14.78 0.64 -27.25
C GLN A 214 13.94 0.34 -26.01
N PRO A 215 14.55 0.48 -24.82
CA PRO A 215 13.90 0.31 -23.52
C PRO A 215 12.89 1.42 -23.20
N ARG A 216 11.79 1.08 -22.54
CA ARG A 216 10.78 2.06 -22.15
C ARG A 216 10.34 1.89 -20.70
N LEU A 217 10.22 3.01 -19.98
CA LEU A 217 9.74 2.98 -18.60
C LEU A 217 8.28 3.38 -18.54
N HIS A 218 7.50 2.64 -17.74
CA HIS A 218 6.08 2.92 -17.62
C HIS A 218 5.66 3.03 -16.16
N ILE A 219 4.83 4.01 -15.86
CA ILE A 219 4.29 4.18 -14.53
C ILE A 219 2.77 4.05 -14.56
N VAL A 220 2.23 3.17 -13.71
CA VAL A 220 0.80 2.94 -13.70
C VAL A 220 0.27 3.13 -12.28
N LYS A 221 -1.04 3.31 -12.14
CA LYS A 221 -1.64 3.48 -10.82
C LYS A 221 -2.49 2.29 -10.37
N ALA A 222 -3.17 2.48 -9.24
CA ALA A 222 -4.09 1.49 -8.68
C ALA A 222 -5.13 2.19 -7.81
N ASP A 223 -6.41 1.92 -8.07
CA ASP A 223 -7.49 2.49 -7.27
C ASP A 223 -8.45 1.41 -6.80
N SER A 236 2.14 7.05 -17.45
CA SER A 236 3.02 7.86 -18.28
C SER A 236 4.25 7.07 -18.73
N THR A 237 4.63 7.23 -19.98
CA THR A 237 5.76 6.50 -20.53
C THR A 237 6.93 7.46 -20.73
N HIS A 238 8.11 7.04 -20.31
CA HIS A 238 9.32 7.85 -20.46
C HIS A 238 10.38 7.11 -21.24
N VAL A 239 10.80 7.69 -22.36
CA VAL A 239 11.76 7.04 -23.26
C VAL A 239 13.07 7.82 -23.36
N PHE A 240 14.19 7.11 -23.24
CA PHE A 240 15.51 7.72 -23.37
C PHE A 240 16.25 7.15 -24.59
N PRO A 241 16.28 7.91 -25.69
CA PRO A 241 16.88 7.50 -26.96
C PRO A 241 18.35 7.09 -26.87
N GLU A 242 19.05 7.56 -25.85
CA GLU A 242 20.46 7.23 -25.65
C GLU A 242 20.65 5.83 -25.08
N THR A 243 19.58 5.28 -24.49
CA THR A 243 19.64 3.95 -23.90
C THR A 243 19.31 2.87 -24.94
N ALA A 244 19.04 3.28 -26.16
CA ALA A 244 18.77 2.36 -27.25
C ALA A 244 19.99 1.48 -27.53
N PHE A 245 19.75 0.22 -27.84
CA PHE A 245 20.86 -0.72 -28.03
C PHE A 245 20.58 -1.77 -29.10
N ILE A 246 21.58 -2.61 -29.35
CA ILE A 246 21.43 -3.76 -30.24
C ILE A 246 21.72 -5.04 -29.46
N ALA A 247 20.78 -5.98 -29.49
CA ALA A 247 20.96 -7.24 -28.79
C ALA A 247 21.92 -8.14 -29.57
N VAL A 248 22.96 -8.61 -28.90
CA VAL A 248 23.93 -9.49 -29.53
C VAL A 248 24.24 -10.68 -28.63
N THR A 249 24.72 -11.76 -29.23
CA THR A 249 25.11 -12.95 -28.48
C THR A 249 26.59 -12.89 -28.11
N SER A 250 27.33 -12.03 -28.80
CA SER A 250 28.74 -11.80 -28.50
C SER A 250 29.14 -10.43 -29.01
N TYR A 251 30.08 -9.80 -28.33
CA TYR A 251 30.50 -8.44 -28.66
C TYR A 251 31.08 -8.32 -30.06
N GLN A 252 30.88 -7.15 -30.67
CA GLN A 252 31.35 -6.88 -32.03
C GLN A 252 32.49 -5.87 -31.99
N ASN A 253 32.14 -4.60 -31.79
CA ASN A 253 33.13 -3.54 -31.67
C ASN A 253 33.81 -3.62 -30.31
N HIS A 254 35.12 -3.85 -30.29
CA HIS A 254 35.84 -4.03 -29.04
C HIS A 254 35.84 -2.74 -28.20
N LYS A 255 35.53 -1.63 -28.85
CA LYS A 255 35.42 -0.35 -28.14
C LYS A 255 34.30 -0.45 -27.12
N ILE A 256 33.18 -1.04 -27.53
CA ILE A 256 32.09 -1.31 -26.62
C ILE A 256 32.57 -2.28 -25.54
N THR A 257 33.33 -3.27 -25.96
CA THR A 257 33.90 -4.25 -25.04
C THR A 257 34.78 -3.58 -23.99
N GLN A 258 35.63 -2.67 -24.44
CA GLN A 258 36.54 -1.96 -23.54
C GLN A 258 35.79 -1.02 -22.61
N LEU A 259 34.70 -0.44 -23.10
CA LEU A 259 33.90 0.47 -22.31
C LEU A 259 33.27 -0.27 -21.12
N LYS A 260 32.80 -1.48 -21.38
CA LYS A 260 32.20 -2.31 -20.34
C LYS A 260 33.18 -2.66 -19.24
N ILE A 261 34.33 -3.20 -19.63
CA ILE A 261 35.34 -3.67 -18.68
C ILE A 261 35.83 -2.59 -17.70
N GLU A 262 36.05 -1.38 -18.21
CA GLU A 262 36.59 -0.31 -17.37
C GLU A 262 35.51 0.35 -16.52
N ASN A 263 34.26 -0.06 -16.71
CA ASN A 263 33.14 0.50 -15.97
C ASN A 263 32.33 -0.52 -15.19
N ASN A 264 32.33 -1.77 -15.65
CA ASN A 264 31.59 -2.82 -14.95
C ASN A 264 32.47 -3.47 -13.90
N PRO A 265 32.07 -3.34 -12.62
CA PRO A 265 32.82 -3.86 -11.48
C PRO A 265 33.12 -5.35 -11.58
N PHE A 266 32.22 -6.10 -12.20
CA PHE A 266 32.39 -7.55 -12.33
C PHE A 266 33.42 -7.90 -13.39
N ALA A 267 33.70 -6.96 -14.28
CA ALA A 267 34.68 -7.18 -15.34
C ALA A 267 36.03 -6.56 -14.98
N LYS A 268 36.21 -6.28 -13.69
CA LYS A 268 37.44 -5.67 -13.18
C LYS A 268 38.64 -6.61 -13.29
N GLY A 269 38.36 -7.90 -13.47
CA GLY A 269 39.39 -8.91 -13.65
C GLY A 269 40.10 -8.89 -14.98
N PHE A 270 39.68 -7.99 -15.88
CA PHE A 270 40.24 -7.92 -17.22
C PHE A 270 40.94 -6.60 -17.53
N ARG A 271 41.43 -5.92 -16.50
CA ARG A 271 42.05 -4.61 -16.68
C ARG A 271 43.58 -4.68 -16.68
N GLY A 272 44.20 -3.78 -17.44
CA GLY A 272 45.63 -3.79 -17.64
C GLY A 272 46.47 -3.43 -16.43
N VAL D 13 -0.38 -39.24 -30.86
CA VAL D 13 0.99 -38.77 -31.05
C VAL D 13 1.06 -37.25 -30.85
N LEU D 14 2.00 -36.80 -30.01
CA LEU D 14 2.14 -35.38 -29.76
C LEU D 14 3.51 -34.86 -30.21
N PHE D 15 3.60 -33.55 -30.43
CA PHE D 15 4.86 -32.92 -30.78
C PHE D 15 5.46 -32.26 -29.54
N SER D 16 6.75 -31.93 -29.61
CA SER D 16 7.41 -31.27 -28.50
C SER D 16 6.99 -29.81 -28.44
N GLN D 17 7.15 -29.18 -27.29
CA GLN D 17 6.81 -27.77 -27.12
C GLN D 17 7.61 -26.86 -28.04
N ALA D 18 8.86 -27.21 -28.29
CA ALA D 18 9.75 -26.44 -29.17
C ALA D 18 9.25 -26.38 -30.60
N GLN D 19 8.94 -27.55 -31.15
CA GLN D 19 8.49 -27.69 -32.54
C GLN D 19 7.27 -26.85 -32.89
N VAL D 20 6.27 -26.86 -32.01
CA VAL D 20 5.01 -26.16 -32.25
C VAL D 20 5.22 -24.67 -32.49
N TYR D 21 5.97 -24.02 -31.61
CA TYR D 21 6.24 -22.59 -31.75
C TYR D 21 6.96 -22.27 -33.06
N GLU D 22 7.93 -23.09 -33.42
CA GLU D 22 8.67 -22.89 -34.66
C GLU D 22 7.76 -23.07 -35.85
N LEU D 23 6.87 -24.06 -35.75
CA LEU D 23 5.85 -24.27 -36.77
C LEU D 23 4.88 -23.09 -36.75
N GLU D 24 4.62 -22.57 -35.56
CA GLU D 24 3.73 -21.43 -35.40
C GLU D 24 4.37 -20.13 -35.87
N ARG D 25 5.64 -19.96 -35.53
CA ARG D 25 6.39 -18.77 -35.94
C ARG D 25 6.47 -18.68 -37.46
N ARG D 26 6.59 -19.83 -38.12
CA ARG D 26 6.65 -19.85 -39.57
C ARG D 26 5.27 -19.63 -40.21
N PHE D 27 4.23 -20.16 -39.58
CA PHE D 27 2.87 -20.02 -40.11
C PHE D 27 2.42 -18.57 -40.15
N LYS D 28 2.91 -17.77 -39.21
CA LYS D 28 2.58 -16.35 -39.19
C LYS D 28 3.31 -15.62 -40.31
N GLN D 29 4.24 -16.32 -40.95
CA GLN D 29 4.99 -15.77 -42.07
C GLN D 29 4.49 -16.36 -43.38
N GLN D 30 4.41 -17.68 -43.43
CA GLN D 30 3.90 -18.37 -44.61
C GLN D 30 2.81 -19.37 -44.24
N ARG D 31 1.64 -19.26 -44.86
CA ARG D 31 0.55 -20.20 -44.63
C ARG D 31 0.62 -21.43 -45.53
N TYR D 32 1.28 -21.32 -46.68
CA TYR D 32 1.44 -22.45 -47.57
C TYR D 32 2.92 -22.75 -47.78
N LEU D 33 3.26 -24.01 -47.91
CA LEU D 33 4.65 -24.40 -48.14
C LEU D 33 4.84 -25.23 -49.38
N SER D 34 6.09 -25.30 -49.85
CA SER D 34 6.45 -26.13 -50.98
C SER D 34 7.29 -27.31 -50.49
N ALA D 35 7.34 -28.37 -51.29
CA ALA D 35 8.07 -29.59 -50.96
C ALA D 35 9.50 -29.35 -50.43
N PRO D 36 10.30 -28.53 -51.13
CA PRO D 36 11.65 -28.31 -50.56
C PRO D 36 11.61 -27.55 -49.24
N GLU D 37 10.74 -26.55 -49.12
CA GLU D 37 10.62 -25.80 -47.88
C GLU D 37 10.09 -26.69 -46.76
N ARG D 38 9.25 -27.65 -47.14
CA ARG D 38 8.74 -28.63 -46.20
C ARG D 38 9.84 -29.59 -45.78
N ASP D 39 10.65 -30.02 -46.74
CA ASP D 39 11.73 -30.96 -46.47
C ASP D 39 12.74 -30.37 -45.49
N GLN D 40 13.26 -29.19 -45.81
CA GLN D 40 14.30 -28.55 -44.98
C GLN D 40 13.82 -28.29 -43.56
N LEU D 41 12.57 -27.86 -43.42
CA LEU D 41 12.02 -27.55 -42.11
C LEU D 41 11.81 -28.82 -41.30
N ALA D 42 11.41 -29.89 -41.97
CA ALA D 42 11.17 -31.18 -41.33
C ALA D 42 12.44 -31.72 -40.68
N SER D 43 13.53 -31.75 -41.46
CA SER D 43 14.80 -32.26 -40.97
C SER D 43 15.34 -31.42 -39.82
N VAL D 44 15.13 -30.11 -39.91
CA VAL D 44 15.51 -29.20 -38.84
C VAL D 44 14.72 -29.50 -37.56
N LEU D 45 13.42 -29.72 -37.73
CA LEU D 45 12.54 -30.02 -36.60
C LEU D 45 12.64 -31.49 -36.21
N LYS D 46 13.51 -32.21 -36.91
CA LYS D 46 13.74 -33.64 -36.67
C LYS D 46 12.45 -34.44 -36.79
N LEU D 47 11.60 -34.01 -37.73
CA LEU D 47 10.35 -34.70 -38.03
C LEU D 47 10.29 -35.04 -39.51
N THR D 48 9.25 -35.76 -39.92
CA THR D 48 9.06 -36.11 -41.32
C THR D 48 8.29 -35.03 -42.07
N SER D 49 8.45 -35.01 -43.39
CA SER D 49 7.80 -34.02 -44.24
C SER D 49 6.29 -34.16 -44.20
N THR D 50 5.83 -35.39 -43.99
CA THR D 50 4.41 -35.69 -43.92
C THR D 50 3.74 -35.02 -42.73
N GLN D 51 4.39 -35.11 -41.57
CA GLN D 51 3.86 -34.52 -40.34
C GLN D 51 3.69 -33.02 -40.45
N VAL D 52 4.65 -32.37 -41.13
CA VAL D 52 4.60 -30.93 -41.36
C VAL D 52 3.45 -30.50 -42.28
N LYS D 53 3.32 -31.18 -43.42
CA LYS D 53 2.27 -30.90 -44.39
C LYS D 53 0.89 -30.99 -43.73
N ILE D 54 0.64 -32.09 -43.01
CA ILE D 54 -0.64 -32.27 -42.31
C ILE D 54 -0.86 -31.15 -41.31
N TRP D 55 0.20 -30.81 -40.58
CA TRP D 55 0.15 -29.75 -39.57
C TRP D 55 -0.34 -28.42 -40.14
N PHE D 56 0.28 -27.99 -41.23
CA PHE D 56 -0.10 -26.74 -41.89
C PHE D 56 -1.54 -26.75 -42.37
N GLN D 57 -1.95 -27.89 -42.93
CA GLN D 57 -3.33 -28.08 -43.34
C GLN D 57 -4.28 -27.88 -42.16
N ASN D 58 -3.94 -28.50 -41.04
CA ASN D 58 -4.74 -28.42 -39.82
C ASN D 58 -4.84 -27.02 -39.24
N ARG D 59 -3.74 -26.29 -39.23
CA ARG D 59 -3.72 -24.93 -38.67
C ARG D 59 -4.57 -24.01 -39.53
N ARG D 60 -4.54 -24.23 -40.84
CA ARG D 60 -5.33 -23.43 -41.77
C ARG D 60 -6.82 -23.56 -41.53
N TYR D 61 -7.23 -24.63 -40.87
CA TYR D 61 -8.65 -24.94 -40.73
C TYR D 61 -9.14 -24.63 -39.32
N LYS D 62 -8.23 -24.60 -38.36
CA LYS D 62 -8.58 -24.17 -37.02
C LYS D 62 -8.80 -22.66 -37.03
N SER D 63 -8.09 -21.98 -37.92
CA SER D 63 -8.21 -20.55 -38.03
C SER D 63 -9.55 -20.14 -38.63
N LYS D 64 -9.95 -20.82 -39.70
CA LYS D 64 -11.19 -20.48 -40.39
C LYS D 64 -12.43 -20.67 -39.52
N ARG D 65 -12.44 -21.73 -38.71
CA ARG D 65 -13.58 -21.97 -37.83
C ARG D 65 -13.62 -20.92 -36.71
N GLN D 66 -12.47 -20.30 -36.46
CA GLN D 66 -12.37 -19.23 -35.47
C GLN D 66 -12.85 -17.91 -36.06
N ARG D 67 -12.35 -17.60 -37.25
CA ARG D 67 -12.71 -16.38 -37.97
C ARG D 67 -14.19 -16.39 -38.35
N GLN D 68 -14.75 -17.58 -38.54
CA GLN D 68 -16.15 -17.74 -38.88
C GLN D 68 -16.95 -18.29 -37.70
N ILE D 88 -11.09 4.90 -29.65
CA ILE D 88 -10.97 3.46 -29.45
C ILE D 88 -12.08 2.95 -28.54
N LYS D 89 -12.77 1.90 -28.98
CA LYS D 89 -13.88 1.35 -28.21
C LYS D 89 -13.69 -0.14 -27.95
N VAL D 90 -13.82 -0.52 -26.68
CA VAL D 90 -13.65 -1.90 -26.28
C VAL D 90 -14.96 -2.43 -25.70
N PHE D 91 -15.36 -3.62 -26.14
CA PHE D 91 -16.63 -4.18 -25.71
C PHE D 91 -16.48 -5.56 -25.08
N LEU D 92 -17.00 -5.69 -23.86
CA LEU D 92 -16.95 -6.93 -23.11
C LEU D 92 -17.99 -7.96 -23.56
N HIS D 93 -17.50 -9.11 -23.98
CA HIS D 93 -18.36 -10.21 -24.42
C HIS D 93 -18.95 -10.89 -23.21
N GLU D 94 -20.12 -11.50 -23.39
CA GLU D 94 -20.86 -12.17 -22.32
C GLU D 94 -21.09 -11.24 -21.14
N ARG D 95 -21.36 -9.97 -21.43
CA ARG D 95 -21.59 -8.97 -20.40
C ARG D 95 -22.78 -9.35 -19.54
N GLU D 96 -23.77 -9.99 -20.15
CA GLU D 96 -24.96 -10.45 -19.43
C GLU D 96 -24.59 -11.43 -18.32
N LEU D 97 -23.70 -12.38 -18.62
CA LEU D 97 -23.29 -13.37 -17.63
C LEU D 97 -22.49 -12.75 -16.49
N TRP D 98 -21.64 -11.78 -16.81
CA TRP D 98 -20.88 -11.05 -15.81
C TRP D 98 -21.84 -10.33 -14.87
N LEU D 99 -22.86 -9.71 -15.46
CA LEU D 99 -23.88 -8.98 -14.70
C LEU D 99 -24.62 -9.93 -13.77
N LYS D 100 -24.86 -11.15 -14.23
CA LYS D 100 -25.47 -12.18 -13.40
C LYS D 100 -24.63 -12.45 -12.15
N PHE D 101 -23.34 -12.68 -12.36
CA PHE D 101 -22.41 -12.89 -11.25
C PHE D 101 -22.25 -11.65 -10.39
N HIS D 102 -22.25 -10.48 -11.01
CA HIS D 102 -21.94 -9.23 -10.33
C HIS D 102 -22.92 -8.88 -9.21
N GLU D 103 -24.22 -8.96 -9.50
CA GLU D 103 -25.24 -8.57 -8.52
C GLU D 103 -25.32 -9.53 -7.35
N VAL D 104 -24.70 -10.70 -7.49
CA VAL D 104 -24.68 -11.69 -6.42
C VAL D 104 -23.37 -11.55 -5.63
N GLY D 105 -22.32 -11.17 -6.34
CA GLY D 105 -21.00 -11.03 -5.75
C GLY D 105 -20.04 -11.99 -6.42
N THR D 106 -19.37 -11.51 -7.46
CA THR D 106 -18.51 -12.35 -8.28
C THR D 106 -17.36 -12.93 -7.44
N GLU D 107 -17.28 -14.25 -7.38
CA GLU D 107 -16.19 -14.91 -6.68
C GLU D 107 -15.29 -15.64 -7.66
N MET D 108 -13.99 -15.59 -7.40
CA MET D 108 -13.03 -16.28 -8.24
C MET D 108 -12.13 -17.18 -7.39
N ILE D 109 -11.98 -18.42 -7.84
CA ILE D 109 -11.14 -19.39 -7.12
C ILE D 109 -9.67 -19.19 -7.46
N ILE D 110 -8.83 -19.18 -6.44
CA ILE D 110 -7.39 -19.13 -6.66
C ILE D 110 -6.72 -20.36 -6.06
N THR D 111 -5.84 -21.00 -6.83
CA THR D 111 -5.15 -22.20 -6.36
C THR D 111 -3.65 -22.01 -6.39
N LYS D 112 -2.94 -22.87 -5.67
CA LYS D 112 -1.48 -22.85 -5.69
C LYS D 112 -0.95 -23.12 -7.10
N ALA D 113 -1.59 -24.05 -7.81
CA ALA D 113 -1.17 -24.43 -9.15
C ALA D 113 -1.53 -23.38 -10.21
N GLY D 114 -2.55 -22.58 -9.91
CA GLY D 114 -3.05 -21.60 -10.86
C GLY D 114 -4.45 -21.96 -11.31
N ARG D 115 -5.30 -20.94 -11.41
CA ARG D 115 -6.71 -21.15 -11.71
C ARG D 115 -7.25 -20.21 -12.77
N ARG D 116 -8.03 -20.75 -13.70
CA ARG D 116 -8.65 -19.98 -14.77
C ARG D 116 -9.73 -19.05 -14.24
N MET D 117 -10.09 -18.03 -15.02
CA MET D 117 -11.19 -17.13 -14.65
C MET D 117 -12.51 -17.55 -15.28
N PHE D 118 -13.56 -17.61 -14.47
CA PHE D 118 -14.91 -17.77 -15.00
C PHE D 118 -15.90 -16.75 -14.44
N PRO D 119 -16.63 -16.05 -15.33
CA PRO D 119 -16.66 -16.21 -16.79
C PRO D 119 -15.35 -15.78 -17.45
N SER D 120 -15.12 -16.24 -18.67
CA SER D 120 -13.89 -15.91 -19.38
C SER D 120 -13.90 -14.46 -19.86
N TYR D 121 -12.76 -13.79 -19.67
CA TYR D 121 -12.63 -12.39 -20.00
C TYR D 121 -12.38 -12.20 -21.49
N LYS D 122 -13.45 -12.24 -22.27
CA LYS D 122 -13.36 -12.04 -23.71
C LYS D 122 -13.83 -10.63 -24.09
N VAL D 123 -13.09 -9.98 -24.98
CA VAL D 123 -13.45 -8.65 -25.43
C VAL D 123 -13.27 -8.49 -26.93
N LYS D 124 -14.05 -7.60 -27.52
CA LYS D 124 -13.85 -7.19 -28.91
C LYS D 124 -13.36 -5.75 -28.89
N VAL D 125 -12.34 -5.46 -29.68
CA VAL D 125 -11.75 -4.14 -29.72
C VAL D 125 -11.99 -3.46 -31.07
N THR D 126 -12.28 -2.17 -31.04
CA THR D 126 -12.56 -1.40 -32.24
C THR D 126 -11.93 -0.02 -32.17
N GLY D 127 -11.53 0.52 -33.32
CA GLY D 127 -10.99 1.86 -33.39
C GLY D 127 -9.47 1.90 -33.31
N LEU D 128 -8.83 0.78 -33.60
CA LEU D 128 -7.36 0.71 -33.57
C LEU D 128 -6.77 0.97 -34.95
N ASN D 129 -5.46 1.23 -34.99
CA ASN D 129 -4.75 1.40 -36.24
C ASN D 129 -4.30 0.05 -36.79
N PRO D 130 -4.87 -0.35 -37.94
CA PRO D 130 -4.64 -1.66 -38.56
C PRO D 130 -3.17 -1.96 -38.85
N LYS D 131 -2.41 -0.96 -39.27
CA LYS D 131 -0.99 -1.16 -39.56
C LYS D 131 -0.15 -1.14 -38.29
N THR D 132 -0.51 -0.26 -37.37
CA THR D 132 0.26 -0.07 -36.15
C THR D 132 0.21 -1.30 -35.26
N LYS D 133 1.37 -1.71 -34.76
CA LYS D 133 1.49 -2.86 -33.88
C LYS D 133 1.20 -2.48 -32.43
N TYR D 134 0.41 -3.32 -31.75
CA TYR D 134 0.03 -3.06 -30.37
C TYR D 134 0.48 -4.15 -29.40
N ILE D 135 0.32 -3.86 -28.11
CA ILE D 135 0.52 -4.86 -27.06
C ILE D 135 -0.66 -4.81 -26.09
N LEU D 136 -1.45 -5.88 -26.06
CA LEU D 136 -2.59 -5.99 -25.15
C LEU D 136 -2.22 -6.81 -23.93
N LEU D 137 -2.54 -6.30 -22.75
CA LEU D 137 -2.21 -6.98 -21.50
C LEU D 137 -3.25 -6.76 -20.42
N MET D 138 -3.22 -7.61 -19.41
CA MET D 138 -4.12 -7.48 -18.27
C MET D 138 -3.38 -7.39 -16.94
N ASP D 139 -4.06 -6.80 -15.97
CA ASP D 139 -3.61 -6.81 -14.59
C ASP D 139 -4.84 -6.66 -13.72
N ILE D 140 -4.74 -7.11 -12.48
CA ILE D 140 -5.87 -7.06 -11.57
C ILE D 140 -5.46 -6.35 -10.29
N VAL D 141 -6.03 -5.19 -10.05
CA VAL D 141 -5.66 -4.38 -8.89
C VAL D 141 -6.72 -4.43 -7.80
N PRO D 142 -6.29 -4.24 -6.54
CA PRO D 142 -7.23 -4.21 -5.41
C PRO D 142 -8.30 -3.13 -5.58
N ALA D 143 -9.53 -3.45 -5.22
CA ALA D 143 -10.62 -2.48 -5.30
C ALA D 143 -10.54 -1.50 -4.14
N ASP D 144 -10.30 -2.03 -2.94
CA ASP D 144 -10.26 -1.21 -1.74
C ASP D 144 -9.08 -1.59 -0.84
N ASP D 145 -9.25 -1.33 0.46
CA ASP D 145 -8.20 -1.62 1.44
C ASP D 145 -8.73 -2.48 2.59
N HIS D 146 -9.74 -3.29 2.30
CA HIS D 146 -10.39 -4.09 3.34
C HIS D 146 -10.19 -5.60 3.14
N ARG D 147 -10.26 -6.34 4.25
CA ARG D 147 -10.23 -7.79 4.22
C ARG D 147 -11.60 -8.33 4.60
N TYR D 148 -12.21 -9.09 3.69
CA TYR D 148 -13.58 -9.55 3.90
C TYR D 148 -13.68 -10.95 4.49
N LYS D 149 -14.87 -11.29 4.96
CA LYS D 149 -15.18 -12.65 5.39
C LYS D 149 -16.65 -12.95 5.10
N PHE D 150 -17.00 -14.24 5.03
CA PHE D 150 -18.35 -14.62 4.65
C PHE D 150 -19.06 -15.39 5.78
N ALA D 151 -20.08 -14.75 6.36
CA ALA D 151 -20.87 -15.37 7.42
C ALA D 151 -22.34 -14.97 7.31
N ASP D 152 -23.21 -15.96 7.48
CA ASP D 152 -24.66 -15.76 7.41
C ASP D 152 -25.09 -15.14 6.09
N ASN D 153 -24.62 -15.72 4.99
CA ASN D 153 -24.93 -15.21 3.66
C ASN D 153 -24.63 -13.71 3.53
N LYS D 154 -23.51 -13.29 4.10
CA LYS D 154 -23.18 -11.88 4.19
C LYS D 154 -21.68 -11.63 4.21
N TRP D 155 -21.24 -10.66 3.42
CA TRP D 155 -19.86 -10.24 3.43
C TRP D 155 -19.64 -9.15 4.47
N SER D 156 -18.54 -9.24 5.21
CA SER D 156 -18.25 -8.27 6.25
C SER D 156 -16.75 -8.00 6.34
N VAL D 157 -16.39 -6.72 6.34
CA VAL D 157 -15.00 -6.31 6.48
C VAL D 157 -14.44 -6.74 7.83
N THR D 158 -13.53 -7.69 7.81
CA THR D 158 -12.96 -8.22 9.05
C THR D 158 -11.51 -7.75 9.26
N GLY D 159 -11.15 -6.66 8.60
CA GLY D 159 -9.82 -6.10 8.75
C GLY D 159 -9.33 -5.23 7.61
N LYS D 160 -8.04 -4.90 7.65
CA LYS D 160 -7.41 -4.09 6.62
C LYS D 160 -6.79 -5.01 5.56
N ALA D 161 -6.66 -4.50 4.33
CA ALA D 161 -6.03 -5.27 3.27
C ALA D 161 -4.59 -5.60 3.60
N GLU D 162 -4.25 -6.88 3.48
CA GLU D 162 -2.89 -7.34 3.70
C GLU D 162 -1.99 -6.74 2.64
N PRO D 163 -0.68 -6.64 2.93
CA PRO D 163 0.25 -6.09 1.93
C PRO D 163 0.25 -6.93 0.66
N ALA D 164 -0.44 -6.44 -0.36
CA ALA D 164 -0.62 -7.18 -1.60
C ALA D 164 0.65 -7.17 -2.43
N MET D 165 1.43 -8.23 -2.32
CA MET D 165 2.64 -8.40 -3.12
C MET D 165 2.75 -9.84 -3.60
N PRO D 166 3.52 -10.09 -4.67
CA PRO D 166 4.17 -9.09 -5.54
C PRO D 166 3.22 -8.56 -6.60
N GLY D 167 3.78 -7.94 -7.64
CA GLY D 167 2.97 -7.48 -8.74
C GLY D 167 3.27 -8.26 -10.01
N ARG D 168 2.23 -8.69 -10.70
CA ARG D 168 2.38 -9.43 -11.94
C ARG D 168 1.33 -9.05 -12.97
N LEU D 169 1.72 -9.10 -14.24
CA LEU D 169 0.80 -8.78 -15.32
C LEU D 169 0.57 -10.02 -16.19
N TYR D 170 -0.50 -9.99 -16.96
CA TYR D 170 -0.74 -11.04 -17.94
C TYR D 170 -0.69 -10.44 -19.33
N VAL D 171 0.41 -10.70 -20.04
CA VAL D 171 0.52 -10.26 -21.42
C VAL D 171 -0.17 -11.27 -22.32
N HIS D 172 -1.09 -10.79 -23.14
CA HIS D 172 -1.82 -11.66 -24.05
C HIS D 172 -0.82 -12.31 -25.00
N PRO D 173 -0.97 -13.63 -25.23
CA PRO D 173 -0.05 -14.44 -26.03
C PRO D 173 0.27 -13.88 -27.41
N ASP D 174 -0.70 -13.26 -28.07
CA ASP D 174 -0.50 -12.75 -29.43
C ASP D 174 0.28 -11.44 -29.47
N SER D 175 0.71 -10.95 -28.32
CA SER D 175 1.49 -9.71 -28.28
C SER D 175 2.95 -9.96 -28.58
N PRO D 176 3.58 -9.05 -29.34
CA PRO D 176 2.94 -7.89 -29.95
C PRO D 176 2.40 -8.18 -31.35
N ALA D 177 1.28 -7.56 -31.71
CA ALA D 177 0.68 -7.77 -33.02
C ALA D 177 0.05 -6.48 -33.54
N THR D 178 -0.20 -6.45 -34.86
CA THR D 178 -0.82 -5.29 -35.49
C THR D 178 -2.27 -5.13 -35.05
N GLY D 179 -2.77 -3.89 -35.15
CA GLY D 179 -4.15 -3.59 -34.80
C GLY D 179 -5.16 -4.36 -35.62
N ALA D 180 -4.78 -4.69 -36.86
CA ALA D 180 -5.66 -5.43 -37.75
C ALA D 180 -6.01 -6.81 -37.19
N HIS D 181 -5.05 -7.45 -36.53
CA HIS D 181 -5.28 -8.78 -35.98
C HIS D 181 -6.17 -8.79 -34.74
N TRP D 182 -5.90 -7.86 -33.81
CA TRP D 182 -6.67 -7.80 -32.58
C TRP D 182 -8.15 -7.53 -32.87
N MET D 183 -8.40 -6.61 -33.79
CA MET D 183 -9.77 -6.23 -34.13
C MET D 183 -10.42 -7.28 -35.03
N ARG D 184 -9.61 -8.14 -35.62
CA ARG D 184 -10.09 -9.17 -36.54
C ARG D 184 -11.12 -10.09 -35.89
N GLN D 185 -10.85 -10.48 -34.65
CA GLN D 185 -11.76 -11.36 -33.91
C GLN D 185 -11.78 -11.04 -32.42
N LEU D 186 -12.48 -11.87 -31.65
CA LEU D 186 -12.53 -11.71 -30.21
C LEU D 186 -11.16 -11.91 -29.59
N VAL D 187 -10.93 -11.26 -28.45
CA VAL D 187 -9.68 -11.42 -27.72
C VAL D 187 -9.97 -12.13 -26.40
N SER D 188 -9.40 -13.33 -26.24
CA SER D 188 -9.71 -14.17 -25.10
C SER D 188 -8.61 -14.18 -24.02
N PHE D 189 -8.99 -13.82 -22.80
CA PHE D 189 -8.08 -13.89 -21.66
C PHE D 189 -8.47 -15.03 -20.72
N GLN D 190 -8.98 -16.12 -21.29
CA GLN D 190 -9.44 -17.24 -20.47
C GLN D 190 -8.25 -18.08 -20.01
N LYS D 191 -7.16 -17.99 -20.75
CA LYS D 191 -5.95 -18.74 -20.44
C LYS D 191 -5.23 -18.12 -19.25
N LEU D 192 -5.61 -16.88 -18.93
CA LEU D 192 -5.11 -16.19 -17.74
C LEU D 192 -5.46 -16.98 -16.49
N LYS D 193 -4.47 -17.14 -15.60
CA LYS D 193 -4.68 -17.91 -14.37
C LYS D 193 -4.38 -17.15 -13.08
N LEU D 194 -5.06 -17.57 -12.01
CA LEU D 194 -4.98 -16.90 -10.72
C LEU D 194 -4.41 -17.83 -9.65
N THR D 195 -3.42 -17.34 -8.92
CA THR D 195 -2.79 -18.13 -7.86
C THR D 195 -2.71 -17.38 -6.54
N ASN D 196 -2.65 -18.13 -5.43
CA ASN D 196 -2.44 -17.52 -4.13
C ASN D 196 -0.98 -17.65 -3.70
N ASN D 197 -0.24 -18.51 -4.40
CA ASN D 197 1.18 -18.73 -4.13
C ASN D 197 2.00 -17.51 -4.51
N HIS D 198 2.50 -16.79 -3.50
CA HIS D 198 3.28 -15.58 -3.72
C HIS D 198 4.66 -15.87 -4.33
N LEU D 199 5.05 -17.15 -4.36
CA LEU D 199 6.31 -17.56 -4.95
C LEU D 199 6.12 -18.38 -6.21
N ASP D 200 5.02 -18.12 -6.92
CA ASP D 200 4.69 -18.83 -8.15
C ASP D 200 5.79 -18.67 -9.20
N PRO D 201 6.25 -19.80 -9.76
CA PRO D 201 7.28 -19.79 -10.79
C PRO D 201 6.73 -19.92 -12.21
N PHE D 202 5.43 -19.74 -12.37
CA PHE D 202 4.79 -19.92 -13.67
C PHE D 202 4.40 -18.60 -14.33
N GLY D 203 4.38 -17.52 -13.55
CA GLY D 203 4.07 -16.21 -14.09
C GLY D 203 2.61 -15.82 -13.99
N HIS D 204 1.86 -16.58 -13.19
CA HIS D 204 0.44 -16.30 -12.99
C HIS D 204 0.25 -15.09 -12.08
N ILE D 205 -0.85 -14.38 -12.29
CA ILE D 205 -1.16 -13.21 -11.47
C ILE D 205 -1.47 -13.62 -10.03
N ILE D 206 -0.61 -13.20 -9.11
CA ILE D 206 -0.77 -13.55 -7.70
C ILE D 206 -1.71 -12.60 -6.98
N LEU D 207 -2.67 -13.16 -6.26
CA LEU D 207 -3.64 -12.36 -5.51
C LEU D 207 -3.72 -12.80 -4.05
N ASN D 208 -4.30 -11.95 -3.21
CA ASN D 208 -4.52 -12.29 -1.81
C ASN D 208 -5.96 -12.72 -1.57
N SER D 209 -6.13 -13.85 -0.89
CA SER D 209 -7.45 -14.39 -0.63
C SER D 209 -8.26 -13.46 0.29
N MET D 210 -9.57 -13.56 0.19
CA MET D 210 -10.51 -12.74 0.97
C MET D 210 -10.30 -11.25 0.69
N HIS D 211 -9.92 -10.93 -0.54
CA HIS D 211 -9.75 -9.54 -0.95
C HIS D 211 -10.47 -9.28 -2.26
N LYS D 212 -11.04 -8.09 -2.41
CA LYS D 212 -11.77 -7.75 -3.63
C LYS D 212 -10.82 -7.19 -4.68
N TYR D 213 -11.02 -7.57 -5.93
CA TYR D 213 -10.11 -7.19 -7.00
C TYR D 213 -10.84 -6.71 -8.26
N GLN D 214 -10.19 -5.84 -9.01
CA GLN D 214 -10.74 -5.36 -10.28
C GLN D 214 -9.73 -5.53 -11.40
N PRO D 215 -10.06 -6.38 -12.39
CA PRO D 215 -9.21 -6.62 -13.56
C PRO D 215 -9.16 -5.40 -14.47
N ARG D 216 -8.01 -5.15 -15.09
CA ARG D 216 -7.88 -4.03 -16.01
C ARG D 216 -7.20 -4.46 -17.30
N LEU D 217 -7.76 -3.99 -18.41
CA LEU D 217 -7.18 -4.25 -19.72
C LEU D 217 -6.41 -3.02 -20.21
N HIS D 218 -5.24 -3.24 -20.78
CA HIS D 218 -4.42 -2.15 -21.27
C HIS D 218 -4.00 -2.38 -22.71
N ILE D 219 -4.01 -1.30 -23.50
CA ILE D 219 -3.54 -1.37 -24.87
C ILE D 219 -2.35 -0.44 -25.07
N VAL D 220 -1.27 -0.98 -25.62
CA VAL D 220 -0.02 -0.25 -25.78
C VAL D 220 0.44 -0.28 -27.24
N LYS D 221 1.42 0.54 -27.59
CA LYS D 221 1.96 0.60 -28.94
C LYS D 221 3.33 -0.08 -28.92
N ALA D 222 4.06 -0.02 -30.03
CA ALA D 222 5.39 -0.60 -30.10
C ALA D 222 6.26 0.13 -31.12
N SER D 236 -3.94 3.29 -23.20
CA SER D 236 -5.28 3.47 -22.65
C SER D 236 -5.71 2.27 -21.83
N THR D 237 -6.35 2.55 -20.69
CA THR D 237 -6.79 1.52 -19.77
C THR D 237 -8.30 1.38 -19.81
N HIS D 238 -8.80 0.15 -19.84
CA HIS D 238 -10.23 -0.08 -19.88
C HIS D 238 -10.69 -0.94 -18.71
N VAL D 239 -11.57 -0.39 -17.89
CA VAL D 239 -12.03 -1.05 -16.67
C VAL D 239 -13.52 -1.34 -16.73
N PHE D 240 -13.90 -2.58 -16.42
CA PHE D 240 -15.30 -2.97 -16.40
C PHE D 240 -15.69 -3.36 -14.98
N PRO D 241 -16.37 -2.46 -14.26
CA PRO D 241 -16.77 -2.65 -12.86
C PRO D 241 -17.59 -3.90 -12.61
N GLU D 242 -18.21 -4.44 -13.66
CA GLU D 242 -19.01 -5.66 -13.54
C GLU D 242 -18.12 -6.89 -13.44
N THR D 243 -16.87 -6.75 -13.88
CA THR D 243 -15.93 -7.85 -13.85
C THR D 243 -15.18 -7.90 -12.52
N ALA D 244 -15.49 -6.96 -11.64
CA ALA D 244 -14.91 -6.95 -10.29
C ALA D 244 -15.33 -8.20 -9.53
N PHE D 245 -14.41 -8.78 -8.78
CA PHE D 245 -14.70 -10.02 -8.08
C PHE D 245 -13.99 -10.14 -6.74
N ILE D 246 -14.25 -11.24 -6.04
CA ILE D 246 -13.57 -11.52 -4.79
C ILE D 246 -12.76 -12.82 -4.94
N ALA D 247 -11.47 -12.72 -4.65
CA ALA D 247 -10.59 -13.88 -4.72
C ALA D 247 -10.80 -14.78 -3.51
N VAL D 248 -11.06 -16.06 -3.76
CA VAL D 248 -11.25 -17.02 -2.69
C VAL D 248 -10.50 -18.32 -2.99
N THR D 249 -10.19 -19.08 -1.94
CA THR D 249 -9.52 -20.36 -2.09
C THR D 249 -10.56 -21.46 -2.22
N SER D 250 -11.78 -21.15 -1.80
CA SER D 250 -12.90 -22.06 -1.91
C SER D 250 -14.19 -21.24 -1.91
N TYR D 251 -15.22 -21.73 -2.59
CA TYR D 251 -16.47 -21.00 -2.73
C TYR D 251 -17.15 -20.69 -1.40
N GLN D 252 -17.84 -19.55 -1.37
CA GLN D 252 -18.52 -19.07 -0.17
C GLN D 252 -20.03 -19.17 -0.35
N ASN D 253 -20.58 -18.24 -1.12
CA ASN D 253 -22.02 -18.24 -1.41
C ASN D 253 -22.35 -19.34 -2.40
N HIS D 254 -23.17 -20.29 -1.97
CA HIS D 254 -23.51 -21.45 -2.79
C HIS D 254 -24.33 -21.09 -4.04
N LYS D 255 -24.92 -19.91 -4.06
CA LYS D 255 -25.58 -19.42 -5.26
C LYS D 255 -24.56 -19.17 -6.35
N ILE D 256 -23.43 -18.59 -5.98
CA ILE D 256 -22.32 -18.40 -6.90
C ILE D 256 -21.82 -19.74 -7.41
N THR D 257 -21.73 -20.72 -6.52
CA THR D 257 -21.29 -22.06 -6.88
C THR D 257 -22.20 -22.68 -7.94
N GLN D 258 -23.52 -22.57 -7.75
CA GLN D 258 -24.46 -23.13 -8.70
C GLN D 258 -24.39 -22.37 -10.02
N LEU D 259 -24.13 -21.07 -9.95
CA LEU D 259 -24.03 -20.23 -11.14
C LEU D 259 -22.86 -20.65 -12.02
N LYS D 260 -21.73 -20.93 -11.40
CA LYS D 260 -20.53 -21.38 -12.11
C LYS D 260 -20.79 -22.70 -12.80
N ILE D 261 -21.32 -23.65 -12.02
CA ILE D 261 -21.62 -25.00 -12.51
C ILE D 261 -22.54 -24.97 -13.71
N GLU D 262 -23.53 -24.09 -13.67
CA GLU D 262 -24.55 -24.02 -14.72
C GLU D 262 -24.07 -23.29 -15.97
N ASN D 263 -22.87 -22.72 -15.91
CA ASN D 263 -22.35 -21.97 -17.05
C ASN D 263 -21.00 -22.47 -17.57
N ASN D 264 -20.22 -23.08 -16.69
CA ASN D 264 -18.90 -23.58 -17.07
C ASN D 264 -18.96 -25.01 -17.59
N PRO D 265 -18.60 -25.21 -18.87
CA PRO D 265 -18.64 -26.52 -19.53
C PRO D 265 -17.90 -27.61 -18.77
N PHE D 266 -16.80 -27.24 -18.09
CA PHE D 266 -16.01 -28.23 -17.37
C PHE D 266 -16.70 -28.68 -16.08
N ALA D 267 -17.66 -27.88 -15.61
CA ALA D 267 -18.37 -28.20 -14.38
C ALA D 267 -19.70 -28.89 -14.65
N LYS D 268 -19.83 -29.40 -15.87
CA LYS D 268 -21.02 -30.11 -16.31
C LYS D 268 -21.19 -31.43 -15.57
N GLY D 269 -20.10 -31.89 -14.96
CA GLY D 269 -20.12 -33.12 -14.19
C GLY D 269 -20.81 -32.98 -12.85
N PHE D 270 -21.23 -31.76 -12.53
CA PHE D 270 -21.89 -31.48 -11.27
C PHE D 270 -23.30 -30.95 -11.50
N ARG D 271 -23.86 -31.23 -12.68
CA ARG D 271 -25.20 -30.76 -13.02
C ARG D 271 -26.22 -31.89 -12.92
N PRO G 11 -39.10 3.14 10.71
CA PRO G 11 -39.83 4.31 11.20
C PRO G 11 -39.14 5.12 12.32
N ARG G 12 -38.55 4.54 13.37
CA ARG G 12 -38.52 3.12 13.71
C ARG G 12 -39.26 2.88 15.02
N VAL G 13 -40.05 1.81 15.08
CA VAL G 13 -40.85 1.52 16.28
C VAL G 13 -40.41 0.23 16.98
N LEU G 14 -40.20 0.35 18.29
CA LEU G 14 -39.75 -0.76 19.13
C LEU G 14 -40.81 -1.12 20.16
N PHE G 15 -40.71 -2.32 20.71
CA PHE G 15 -41.66 -2.75 21.74
C PHE G 15 -41.07 -2.55 23.14
N SER G 16 -41.96 -2.52 24.14
CA SER G 16 -41.55 -2.37 25.53
C SER G 16 -41.03 -3.69 26.10
N GLN G 17 -40.25 -3.60 27.17
CA GLN G 17 -39.77 -4.79 27.87
C GLN G 17 -40.92 -5.61 28.43
N ALA G 18 -41.99 -4.93 28.82
CA ALA G 18 -43.16 -5.60 29.35
C ALA G 18 -43.78 -6.53 28.30
N GLN G 19 -44.05 -5.97 27.12
CA GLN G 19 -44.64 -6.73 26.02
C GLN G 19 -43.78 -7.91 25.58
N VAL G 20 -42.49 -7.66 25.40
CA VAL G 20 -41.55 -8.66 24.89
C VAL G 20 -41.47 -9.91 25.77
N TYR G 21 -41.31 -9.71 27.07
CA TYR G 21 -41.22 -10.82 28.02
C TYR G 21 -42.47 -11.69 27.93
N GLU G 22 -43.63 -11.04 27.82
CA GLU G 22 -44.90 -11.73 27.71
C GLU G 22 -44.95 -12.54 26.42
N LEU G 23 -44.41 -11.97 25.34
CA LEU G 23 -44.30 -12.68 24.07
C LEU G 23 -43.39 -13.89 24.22
N GLU G 24 -42.33 -13.73 25.02
CA GLU G 24 -41.39 -14.81 25.28
C GLU G 24 -41.99 -15.86 26.20
N ARG G 25 -42.76 -15.42 27.19
CA ARG G 25 -43.41 -16.33 28.12
C ARG G 25 -44.31 -17.31 27.38
N ARG G 26 -45.04 -16.77 26.40
CA ARG G 26 -45.96 -17.57 25.61
C ARG G 26 -45.21 -18.42 24.60
N PHE G 27 -44.15 -17.84 24.04
CA PHE G 27 -43.34 -18.50 23.02
C PHE G 27 -42.65 -19.76 23.55
N LYS G 28 -42.29 -19.76 24.83
CA LYS G 28 -41.66 -20.90 25.45
C LYS G 28 -42.65 -22.04 25.69
N GLN G 29 -43.94 -21.76 25.45
CA GLN G 29 -44.97 -22.78 25.59
C GLN G 29 -45.41 -23.27 24.22
N GLN G 30 -45.73 -22.32 23.34
CA GLN G 30 -46.14 -22.63 21.98
C GLN G 30 -45.32 -21.80 20.98
N ARG G 31 -44.75 -22.47 19.99
CA ARG G 31 -43.93 -21.81 18.98
C ARG G 31 -44.81 -21.25 17.86
N TYR G 32 -45.99 -21.84 17.70
CA TYR G 32 -46.95 -21.38 16.71
C TYR G 32 -48.25 -20.96 17.36
N LEU G 33 -48.90 -19.95 16.79
CA LEU G 33 -50.20 -19.47 17.29
C LEU G 33 -51.26 -19.51 16.21
N SER G 34 -52.52 -19.46 16.63
CA SER G 34 -53.64 -19.40 15.71
C SER G 34 -54.26 -18.00 15.75
N ALA G 35 -55.00 -17.67 14.70
CA ALA G 35 -55.64 -16.35 14.58
C ALA G 35 -56.38 -15.88 15.84
N PRO G 36 -57.22 -16.74 16.45
CA PRO G 36 -57.86 -16.24 17.68
C PRO G 36 -56.85 -16.02 18.80
N GLU G 37 -55.88 -16.93 18.92
CA GLU G 37 -54.85 -16.84 19.94
C GLU G 37 -53.97 -15.60 19.76
N ARG G 38 -53.76 -15.20 18.51
CA ARG G 38 -52.98 -14.00 18.22
C ARG G 38 -53.75 -12.75 18.66
N ASP G 39 -55.05 -12.73 18.39
CA ASP G 39 -55.90 -11.59 18.73
C ASP G 39 -55.93 -11.32 20.23
N GLN G 40 -56.26 -12.35 21.01
CA GLN G 40 -56.39 -12.20 22.46
C GLN G 40 -55.08 -11.73 23.10
N LEU G 41 -53.96 -12.25 22.61
CA LEU G 41 -52.66 -11.86 23.14
C LEU G 41 -52.30 -10.43 22.75
N ALA G 42 -52.69 -10.05 21.54
CA ALA G 42 -52.41 -8.71 21.01
C ALA G 42 -53.05 -7.61 21.84
N SER G 43 -54.35 -7.73 22.11
CA SER G 43 -55.08 -6.72 22.86
C SER G 43 -54.53 -6.58 24.27
N VAL G 44 -54.11 -7.69 24.85
CA VAL G 44 -53.48 -7.69 26.17
C VAL G 44 -52.17 -6.90 26.12
N LEU G 45 -51.39 -7.13 25.07
CA LEU G 45 -50.11 -6.44 24.91
C LEU G 45 -50.29 -5.04 24.33
N LYS G 46 -51.54 -4.65 24.12
CA LYS G 46 -51.88 -3.35 23.55
C LYS G 46 -51.20 -3.15 22.19
N LEU G 47 -51.14 -4.24 21.42
CA LEU G 47 -50.60 -4.20 20.08
C LEU G 47 -51.62 -4.73 19.08
N THR G 48 -51.29 -4.64 17.79
CA THR G 48 -52.17 -5.16 16.75
C THR G 48 -51.87 -6.63 16.47
N SER G 49 -52.84 -7.33 15.89
CA SER G 49 -52.70 -8.75 15.60
C SER G 49 -51.61 -9.02 14.57
N THR G 50 -51.40 -8.04 13.68
CA THR G 50 -50.39 -8.16 12.64
C THR G 50 -49.00 -8.22 13.23
N GLN G 51 -48.73 -7.36 14.20
CA GLN G 51 -47.43 -7.29 14.87
C GLN G 51 -47.11 -8.61 15.56
N VAL G 52 -48.14 -9.24 16.12
CA VAL G 52 -47.99 -10.53 16.78
C VAL G 52 -47.61 -11.58 15.74
N LYS G 53 -48.29 -11.57 14.60
CA LYS G 53 -48.00 -12.49 13.50
C LYS G 53 -46.53 -12.45 13.10
N ILE G 54 -46.04 -11.26 12.76
CA ILE G 54 -44.66 -11.06 12.35
C ILE G 54 -43.66 -11.43 13.44
N TRP G 55 -43.91 -11.00 14.67
CA TRP G 55 -42.98 -11.25 15.77
C TRP G 55 -42.69 -12.73 15.96
N PHE G 56 -43.75 -13.53 16.05
CA PHE G 56 -43.61 -14.96 16.22
C PHE G 56 -42.87 -15.55 15.02
N GLN G 57 -43.24 -15.08 13.83
CA GLN G 57 -42.56 -15.46 12.60
C GLN G 57 -41.07 -15.15 12.68
N ASN G 58 -40.75 -13.93 13.10
CA ASN G 58 -39.37 -13.51 13.28
C ASN G 58 -38.65 -14.30 14.36
N ARG G 59 -39.36 -14.54 15.46
CA ARG G 59 -38.78 -15.25 16.59
C ARG G 59 -38.47 -16.68 16.18
N ARG G 60 -39.34 -17.25 15.34
CA ARG G 60 -39.15 -18.60 14.80
C ARG G 60 -37.90 -18.70 13.94
N TYR G 61 -37.39 -17.57 13.49
CA TYR G 61 -36.30 -17.55 12.53
C TYR G 61 -34.95 -17.26 13.18
N LYS G 62 -34.94 -16.48 14.25
CA LYS G 62 -33.72 -16.37 15.05
C LYS G 62 -33.53 -17.68 15.80
N SER G 63 -34.64 -18.34 16.09
CA SER G 63 -34.61 -19.63 16.77
C SER G 63 -34.02 -20.66 15.82
N LYS G 64 -34.42 -20.55 14.56
CA LYS G 64 -33.96 -21.43 13.50
C LYS G 64 -32.45 -21.31 13.33
N ARG G 65 -31.96 -20.08 13.38
CA ARG G 65 -30.53 -19.81 13.27
C ARG G 65 -29.84 -20.31 14.53
N GLN G 66 -28.51 -20.20 14.55
CA GLN G 66 -27.63 -20.58 15.67
C GLN G 66 -27.43 -22.09 15.73
N ARG G 67 -28.54 -22.84 15.67
CA ARG G 67 -28.51 -24.29 15.68
C ARG G 67 -27.85 -24.79 14.41
N VAL G 90 -18.56 -30.54 30.39
CA VAL G 90 -18.54 -29.13 29.98
C VAL G 90 -17.37 -28.85 29.04
N PHE G 91 -17.66 -28.18 27.93
CA PHE G 91 -16.65 -27.88 26.92
C PHE G 91 -16.56 -26.41 26.58
N LEU G 92 -15.36 -25.86 26.70
CA LEU G 92 -15.12 -24.45 26.42
C LEU G 92 -15.05 -24.13 24.92
N HIS G 93 -15.97 -23.29 24.48
CA HIS G 93 -16.01 -22.86 23.08
C HIS G 93 -14.96 -21.80 22.80
N GLU G 94 -14.48 -21.77 21.55
CA GLU G 94 -13.44 -20.84 21.13
C GLU G 94 -12.22 -20.91 22.05
N ARG G 95 -11.88 -22.11 22.48
CA ARG G 95 -10.76 -22.35 23.40
C ARG G 95 -9.42 -21.87 22.84
N GLU G 96 -9.27 -21.97 21.52
CA GLU G 96 -8.03 -21.58 20.85
C GLU G 96 -7.67 -20.11 21.07
N LEU G 97 -8.67 -19.25 20.94
CA LEU G 97 -8.48 -17.81 21.10
C LEU G 97 -8.10 -17.44 22.54
N TRP G 98 -8.69 -18.14 23.50
CA TRP G 98 -8.38 -17.93 24.92
C TRP G 98 -6.91 -18.19 25.23
N LEU G 99 -6.37 -19.27 24.67
CA LEU G 99 -4.97 -19.63 24.87
C LEU G 99 -4.04 -18.55 24.32
N LYS G 100 -4.46 -17.92 23.23
CA LYS G 100 -3.72 -16.82 22.62
C LYS G 100 -3.50 -15.67 23.60
N PHE G 101 -4.58 -15.24 24.24
CA PHE G 101 -4.52 -14.17 25.23
C PHE G 101 -3.73 -14.60 26.47
N HIS G 102 -3.90 -15.86 26.85
CA HIS G 102 -3.34 -16.39 28.10
C HIS G 102 -1.81 -16.35 28.11
N GLU G 103 -1.20 -16.76 27.00
CA GLU G 103 0.25 -16.82 26.92
C GLU G 103 0.87 -15.42 26.94
N VAL G 104 0.03 -14.41 26.72
CA VAL G 104 0.48 -13.02 26.78
C VAL G 104 0.15 -12.46 28.16
N GLY G 105 -0.95 -12.94 28.73
CA GLY G 105 -1.43 -12.48 30.02
C GLY G 105 -2.79 -11.85 29.87
N THR G 106 -3.84 -12.64 30.07
CA THR G 106 -5.20 -12.19 29.83
C THR G 106 -5.55 -11.00 30.72
N GLU G 107 -5.87 -9.88 30.09
CA GLU G 107 -6.27 -8.68 30.81
C GLU G 107 -7.73 -8.32 30.54
N MET G 108 -8.43 -7.86 31.56
CA MET G 108 -9.83 -7.47 31.42
C MET G 108 -10.12 -6.07 31.94
N ILE G 109 -10.84 -5.29 31.14
CA ILE G 109 -11.22 -3.92 31.48
C ILE G 109 -12.45 -3.89 32.40
N ILE G 110 -12.37 -3.10 33.47
CA ILE G 110 -13.52 -2.88 34.34
C ILE G 110 -13.88 -1.39 34.36
N THR G 111 -15.17 -1.10 34.21
CA THR G 111 -15.64 0.29 34.19
C THR G 111 -16.68 0.56 35.27
N LYS G 112 -16.93 1.84 35.53
CA LYS G 112 -17.97 2.25 36.45
C LYS G 112 -19.34 1.74 36.00
N ALA G 113 -19.59 1.85 34.70
CA ALA G 113 -20.88 1.43 34.15
C ALA G 113 -21.00 -0.08 34.02
N GLY G 114 -19.85 -0.75 33.93
CA GLY G 114 -19.83 -2.18 33.72
C GLY G 114 -19.27 -2.48 32.35
N ARG G 115 -18.47 -3.53 32.25
CA ARG G 115 -17.80 -3.83 31.00
C ARG G 115 -17.93 -5.30 30.65
N ARG G 116 -18.24 -5.58 29.38
CA ARG G 116 -18.40 -6.94 28.91
C ARG G 116 -17.07 -7.68 28.91
N MET G 117 -17.12 -9.00 28.91
CA MET G 117 -15.91 -9.81 28.82
C MET G 117 -15.61 -10.21 27.39
N PHE G 118 -14.37 -9.97 26.96
CA PHE G 118 -13.92 -10.53 25.69
C PHE G 118 -12.59 -11.25 25.88
N PRO G 119 -12.51 -12.50 25.40
CA PRO G 119 -13.51 -13.23 24.60
C PRO G 119 -14.78 -13.58 25.37
N SER G 120 -15.85 -13.86 24.63
CA SER G 120 -17.13 -14.21 25.23
C SER G 120 -17.10 -15.61 25.82
N TYR G 121 -17.66 -15.75 27.01
CA TYR G 121 -17.65 -17.02 27.72
C TYR G 121 -18.73 -17.97 27.20
N LYS G 122 -18.44 -18.65 26.09
CA LYS G 122 -19.37 -19.62 25.52
C LYS G 122 -18.93 -21.03 25.83
N VAL G 123 -19.87 -21.88 26.24
CA VAL G 123 -19.58 -23.28 26.54
C VAL G 123 -20.66 -24.21 26.00
N VAL G 125 -22.22 -27.97 27.17
CA VAL G 125 -22.36 -28.89 28.30
C VAL G 125 -22.94 -30.23 27.85
N THR G 126 -22.42 -31.32 28.41
CA THR G 126 -22.87 -32.66 28.06
C THR G 126 -22.96 -33.59 29.27
N GLY G 127 -23.87 -34.55 29.22
CA GLY G 127 -24.01 -35.54 30.27
C GLY G 127 -25.03 -35.21 31.34
N LEU G 128 -25.97 -34.33 31.03
CA LEU G 128 -27.02 -33.96 31.98
C LEU G 128 -28.29 -34.79 31.77
N ASN G 129 -29.19 -34.74 32.75
CA ASN G 129 -30.48 -35.40 32.61
C ASN G 129 -31.45 -34.45 31.91
N PRO G 130 -31.89 -34.84 30.71
CA PRO G 130 -32.73 -34.02 29.81
C PRO G 130 -34.02 -33.51 30.44
N LYS G 131 -34.65 -34.32 31.28
CA LYS G 131 -35.89 -33.92 31.94
C LYS G 131 -35.61 -32.98 33.09
N THR G 132 -34.52 -33.24 33.81
CA THR G 132 -34.17 -32.48 35.01
C THR G 132 -33.86 -31.02 34.72
N LYS G 133 -34.44 -30.13 35.53
CA LYS G 133 -34.21 -28.70 35.40
C LYS G 133 -32.91 -28.29 36.09
N TYR G 134 -32.10 -27.48 35.42
CA TYR G 134 -30.82 -27.06 35.98
C TYR G 134 -30.72 -25.54 36.10
N ILE G 135 -29.68 -25.10 36.81
CA ILE G 135 -29.39 -23.68 36.92
C ILE G 135 -27.91 -23.43 36.64
N LEU G 136 -27.63 -22.71 35.56
CA LEU G 136 -26.26 -22.37 35.22
C LEU G 136 -25.95 -20.96 35.68
N LEU G 137 -24.81 -20.80 36.35
CA LEU G 137 -24.41 -19.49 36.85
C LEU G 137 -22.90 -19.36 36.83
N MET G 138 -22.44 -18.12 36.86
CA MET G 138 -21.01 -17.85 36.90
C MET G 138 -20.64 -16.97 38.08
N ASP G 139 -19.38 -17.06 38.48
CA ASP G 139 -18.82 -16.16 39.47
C ASP G 139 -17.32 -16.10 39.25
N ILE G 140 -16.70 -15.03 39.72
CA ILE G 140 -15.28 -14.87 39.53
C ILE G 140 -14.59 -14.64 40.86
N VAL G 141 -13.77 -15.61 41.26
CA VAL G 141 -13.09 -15.55 42.55
C VAL G 141 -11.62 -15.22 42.34
N PRO G 142 -10.98 -14.60 43.35
CA PRO G 142 -9.56 -14.27 43.25
C PRO G 142 -8.67 -15.49 42.97
N ALA G 143 -7.68 -15.29 42.10
CA ALA G 143 -6.73 -16.35 41.77
C ALA G 143 -5.68 -16.51 42.86
N ASP G 144 -5.15 -15.38 43.33
CA ASP G 144 -4.08 -15.39 44.33
C ASP G 144 -4.32 -14.37 45.44
N ASP G 145 -3.25 -13.92 46.07
CA ASP G 145 -3.33 -12.96 47.17
C ASP G 145 -2.43 -11.75 46.95
N HIS G 146 -2.13 -11.44 45.70
CA HIS G 146 -1.21 -10.36 45.37
C HIS G 146 -1.83 -9.19 44.63
N ARG G 147 -1.18 -8.03 44.76
CA ARG G 147 -1.54 -6.84 44.00
C ARG G 147 -0.42 -6.57 43.00
N TYR G 148 -0.76 -6.62 41.72
CA TYR G 148 0.24 -6.50 40.67
C TYR G 148 0.34 -5.07 40.12
N LYS G 149 1.41 -4.84 39.36
CA LYS G 149 1.55 -3.62 38.58
C LYS G 149 2.29 -3.94 37.30
N PHE G 150 2.16 -3.08 36.30
CA PHE G 150 2.71 -3.36 34.99
C PHE G 150 3.76 -2.35 34.57
N ALA G 151 5.01 -2.80 34.49
CA ALA G 151 6.10 -1.94 34.06
C ALA G 151 7.09 -2.71 33.20
N ASP G 152 7.49 -2.10 32.10
CA ASP G 152 8.46 -2.68 31.16
C ASP G 152 8.02 -4.05 30.63
N ASN G 153 6.80 -4.11 30.10
CA ASN G 153 6.22 -5.34 29.54
C ASN G 153 6.28 -6.53 30.50
N LYS G 154 6.02 -6.28 31.77
CA LYS G 154 6.14 -7.31 32.79
C LYS G 154 5.23 -7.01 33.98
N TRP G 155 4.56 -8.06 34.47
CA TRP G 155 3.74 -7.93 35.67
C TRP G 155 4.58 -8.18 36.93
N SER G 156 4.34 -7.35 37.96
CA SER G 156 5.09 -7.45 39.20
C SER G 156 4.20 -7.15 40.39
N VAL G 157 4.25 -8.03 41.39
CA VAL G 157 3.48 -7.85 42.62
C VAL G 157 3.91 -6.60 43.39
N THR G 158 3.02 -5.61 43.44
CA THR G 158 3.32 -4.34 44.08
C THR G 158 2.61 -4.19 45.42
N GLY G 159 2.22 -5.32 46.02
CA GLY G 159 1.57 -5.30 47.31
C GLY G 159 0.70 -6.52 47.55
N LYS G 160 -0.10 -6.47 48.61
CA LYS G 160 -1.02 -7.55 48.92
C LYS G 160 -2.38 -7.25 48.30
N ALA G 161 -3.15 -8.29 48.00
CA ALA G 161 -4.49 -8.11 47.46
C ALA G 161 -5.39 -7.38 48.45
N GLU G 162 -6.04 -6.32 47.98
CA GLU G 162 -6.97 -5.54 48.78
C GLU G 162 -8.19 -6.39 49.14
N PRO G 163 -8.89 -6.06 50.23
CA PRO G 163 -10.08 -6.82 50.60
C PRO G 163 -11.17 -6.74 49.52
N ALA G 164 -11.27 -7.79 48.71
CA ALA G 164 -12.20 -7.82 47.59
C ALA G 164 -13.64 -8.05 48.06
N MET G 165 -14.39 -6.96 48.17
CA MET G 165 -15.79 -7.03 48.54
C MET G 165 -16.62 -6.09 47.67
N PRO G 166 -17.93 -6.36 47.55
CA PRO G 166 -18.66 -7.52 48.06
C PRO G 166 -18.57 -8.71 47.11
N GLY G 167 -19.52 -9.64 47.22
CA GLY G 167 -19.57 -10.79 46.33
C GLY G 167 -20.78 -10.71 45.42
N ARG G 168 -20.58 -11.02 44.14
CA ARG G 168 -21.68 -10.98 43.17
C ARG G 168 -21.62 -12.19 42.23
N LEU G 169 -22.79 -12.67 41.83
CA LEU G 169 -22.88 -13.79 40.92
C LEU G 169 -23.57 -13.41 39.62
N TYR G 170 -23.35 -14.21 38.59
CA TYR G 170 -24.08 -14.05 37.34
C TYR G 170 -24.93 -15.27 37.06
N VAL G 171 -26.24 -15.14 37.27
CA VAL G 171 -27.15 -16.21 36.91
C VAL G 171 -27.51 -16.08 35.44
N HIS G 172 -27.31 -17.16 34.68
CA HIS G 172 -27.59 -17.14 33.25
C HIS G 172 -29.07 -16.87 32.99
N PRO G 173 -29.37 -15.98 32.04
CA PRO G 173 -30.73 -15.54 31.71
C PRO G 173 -31.72 -16.69 31.46
N ASP G 174 -31.26 -17.76 30.83
CA ASP G 174 -32.14 -18.87 30.48
C ASP G 174 -32.45 -19.77 31.68
N SER G 175 -31.91 -19.43 32.84
CA SER G 175 -32.18 -20.18 34.05
C SER G 175 -33.50 -19.76 34.68
N PRO G 176 -34.24 -20.73 35.24
CA PRO G 176 -33.89 -22.15 35.23
C PRO G 176 -34.49 -22.88 34.03
N ALA G 177 -33.77 -23.88 33.51
CA ALA G 177 -34.27 -24.66 32.38
C ALA G 177 -33.85 -26.12 32.48
N THR G 178 -34.54 -26.98 31.75
CA THR G 178 -34.23 -28.41 31.72
C THR G 178 -32.90 -28.67 31.03
N GLY G 179 -32.29 -29.80 31.34
CA GLY G 179 -31.02 -30.17 30.74
C GLY G 179 -31.10 -30.29 29.23
N ALA G 180 -32.27 -30.66 28.72
CA ALA G 180 -32.48 -30.78 27.29
C ALA G 180 -32.27 -29.43 26.61
N HIS G 181 -32.67 -28.36 27.30
CA HIS G 181 -32.53 -27.01 26.78
C HIS G 181 -31.09 -26.53 26.81
N TRP G 182 -30.41 -26.74 27.93
CA TRP G 182 -29.02 -26.31 28.09
C TRP G 182 -28.10 -27.06 27.11
N MET G 183 -28.33 -28.36 26.98
CA MET G 183 -27.51 -29.19 26.12
C MET G 183 -27.87 -29.02 24.64
N ARG G 184 -29.04 -28.42 24.39
CA ARG G 184 -29.53 -28.22 23.04
C ARG G 184 -28.56 -27.41 22.16
N GLN G 185 -28.00 -26.35 22.75
CA GLN G 185 -27.07 -25.51 22.02
C GLN G 185 -25.99 -24.95 22.94
N LEU G 186 -25.15 -24.07 22.40
CA LEU G 186 -24.11 -23.43 23.19
C LEU G 186 -24.71 -22.54 24.27
N VAL G 187 -23.98 -22.37 25.36
CA VAL G 187 -24.40 -21.49 26.44
C VAL G 187 -23.45 -20.30 26.53
N SER G 188 -23.99 -19.11 26.29
CA SER G 188 -23.16 -17.90 26.22
C SER G 188 -23.27 -17.04 27.47
N PHE G 189 -22.12 -16.73 28.07
CA PHE G 189 -22.05 -15.84 29.21
C PHE G 189 -21.45 -14.49 28.79
N GLN G 190 -21.78 -14.06 27.58
CA GLN G 190 -21.19 -12.84 27.01
C GLN G 190 -21.78 -11.55 27.56
N LYS G 191 -23.02 -11.63 28.04
CA LYS G 191 -23.71 -10.47 28.60
C LYS G 191 -23.18 -10.11 29.98
N LEU G 192 -22.45 -11.05 30.59
CA LEU G 192 -21.83 -10.82 31.89
C LEU G 192 -20.90 -9.62 31.84
N LYS G 193 -21.04 -8.73 32.83
CA LYS G 193 -20.25 -7.50 32.88
C LYS G 193 -19.47 -7.32 34.17
N LEU G 194 -18.36 -6.59 34.07
CA LEU G 194 -17.45 -6.39 35.20
C LEU G 194 -17.35 -4.91 35.57
N THR G 195 -17.47 -4.62 36.86
CA THR G 195 -17.42 -3.24 37.32
C THR G 195 -16.39 -3.03 38.44
N ASN G 196 -15.91 -1.79 38.56
CA ASN G 196 -15.03 -1.43 39.66
C ASN G 196 -15.82 -0.72 40.75
N ASN G 197 -17.04 -0.32 40.42
CA ASN G 197 -17.94 0.33 41.35
C ASN G 197 -18.43 -0.61 42.44
N HIS G 198 -17.93 -0.42 43.66
CA HIS G 198 -18.31 -1.24 44.80
C HIS G 198 -19.74 -0.97 45.24
N LEU G 199 -20.34 0.08 44.68
CA LEU G 199 -21.72 0.45 45.00
C LEU G 199 -22.59 0.22 43.78
N ASP G 200 -22.22 -0.76 42.98
CA ASP G 200 -22.95 -1.09 41.75
C ASP G 200 -24.41 -1.42 42.02
N PRO G 201 -25.32 -0.71 41.35
CA PRO G 201 -26.77 -0.90 41.46
C PRO G 201 -27.36 -1.68 40.28
N PHE G 202 -26.52 -2.28 39.44
CA PHE G 202 -27.00 -3.00 38.26
C PHE G 202 -26.90 -4.51 38.43
N GLY G 203 -26.10 -4.95 39.39
CA GLY G 203 -25.96 -6.37 39.66
C GLY G 203 -24.78 -7.00 38.93
N HIS G 204 -23.91 -6.17 38.39
CA HIS G 204 -22.73 -6.65 37.69
C HIS G 204 -21.68 -7.15 38.69
N ILE G 205 -20.85 -8.09 38.24
CA ILE G 205 -19.80 -8.62 39.09
C ILE G 205 -18.76 -7.56 39.41
N ILE G 206 -18.66 -7.20 40.68
CA ILE G 206 -17.71 -6.18 41.10
C ILE G 206 -16.34 -6.79 41.32
N LEU G 207 -15.31 -6.19 40.71
CA LEU G 207 -13.95 -6.68 40.86
C LEU G 207 -12.99 -5.58 41.29
N ASN G 208 -11.82 -5.97 41.76
CA ASN G 208 -10.77 -5.02 42.11
C ASN G 208 -9.72 -4.91 41.02
N SER G 209 -9.40 -3.69 40.63
CA SER G 209 -8.43 -3.47 39.57
C SER G 209 -7.05 -3.95 39.99
N MET G 210 -6.24 -4.32 38.99
CA MET G 210 -4.88 -4.82 39.22
C MET G 210 -4.88 -6.07 40.11
N HIS G 211 -5.89 -6.92 39.93
CA HIS G 211 -5.98 -8.17 40.67
C HIS G 211 -6.27 -9.35 39.75
N LYS G 212 -5.68 -10.51 40.05
CA LYS G 212 -5.87 -11.69 39.22
C LYS G 212 -7.11 -12.45 39.62
N TYR G 213 -7.86 -12.92 38.62
CA TYR G 213 -9.14 -13.57 38.86
C TYR G 213 -9.32 -14.83 38.01
N GLN G 214 -10.11 -15.77 38.52
CA GLN G 214 -10.46 -16.98 37.76
C GLN G 214 -11.96 -17.20 37.73
N PRO G 215 -12.56 -17.16 36.53
CA PRO G 215 -13.99 -17.40 36.34
C PRO G 215 -14.39 -18.85 36.60
N ARG G 216 -15.57 -19.05 37.17
CA ARG G 216 -16.05 -20.39 37.47
C ARG G 216 -17.48 -20.60 36.99
N LEU G 217 -17.73 -21.75 36.37
CA LEU G 217 -19.07 -22.12 35.95
C LEU G 217 -19.66 -23.12 36.94
N HIS G 218 -20.91 -22.91 37.30
CA HIS G 218 -21.57 -23.80 38.25
C HIS G 218 -22.91 -24.29 37.73
N ILE G 219 -23.20 -25.57 37.98
CA ILE G 219 -24.48 -26.14 37.60
C ILE G 219 -25.24 -26.58 38.84
N VAL G 220 -26.48 -26.14 38.95
CA VAL G 220 -27.29 -26.42 40.14
C VAL G 220 -28.59 -27.09 39.73
N LYS G 221 -29.29 -27.69 40.69
CA LYS G 221 -30.56 -28.36 40.42
C LYS G 221 -31.75 -27.60 40.98
N ALA G 222 -32.93 -28.21 40.89
CA ALA G 222 -34.15 -27.60 41.41
C ALA G 222 -35.18 -28.67 41.78
N ASP G 223 -34.79 -29.56 42.68
CA ASP G 223 -35.69 -30.62 43.14
C ASP G 223 -36.28 -30.30 44.52
N SER G 236 -22.26 -29.03 40.43
CA SER G 236 -20.94 -29.35 39.90
C SER G 236 -20.26 -28.11 39.32
N THR G 237 -18.98 -27.96 39.61
CA THR G 237 -18.22 -26.80 39.17
C THR G 237 -17.18 -27.14 38.10
N HIS G 238 -17.13 -26.34 37.04
CA HIS G 238 -16.13 -26.53 36.00
C HIS G 238 -15.30 -25.26 35.80
N VAL G 239 -14.00 -25.37 36.01
CA VAL G 239 -13.09 -24.23 35.95
C VAL G 239 -12.06 -24.36 34.83
N PHE G 240 -11.86 -23.29 34.07
CA PHE G 240 -10.87 -23.27 33.00
C PHE G 240 -9.76 -22.26 33.27
N PRO G 241 -8.59 -22.78 33.70
CA PRO G 241 -7.40 -22.00 34.07
C PRO G 241 -6.93 -21.05 32.97
N GLU G 242 -7.31 -21.32 31.73
CA GLU G 242 -6.93 -20.47 30.61
C GLU G 242 -7.77 -19.20 30.58
N THR G 243 -8.90 -19.23 31.27
CA THR G 243 -9.80 -18.07 31.31
C THR G 243 -9.41 -17.13 32.46
N ALA G 244 -8.38 -17.51 33.21
CA ALA G 244 -7.87 -16.66 34.28
C ALA G 244 -7.33 -15.36 33.70
N PHE G 245 -7.59 -14.25 34.38
CA PHE G 245 -7.18 -12.96 33.87
C PHE G 245 -6.80 -11.97 34.97
N ILE G 246 -6.36 -10.79 34.55
CA ILE G 246 -6.08 -9.70 35.47
C ILE G 246 -6.99 -8.52 35.16
N ALA G 247 -7.72 -8.06 36.16
CA ALA G 247 -8.62 -6.92 36.02
C ALA G 247 -7.84 -5.60 36.01
N VAL G 248 -8.11 -4.77 35.00
CA VAL G 248 -7.46 -3.47 34.90
C VAL G 248 -8.50 -2.40 34.60
N THR G 249 -8.19 -1.14 34.93
CA THR G 249 -9.14 -0.07 34.66
C THR G 249 -8.84 0.49 33.28
N SER G 250 -7.65 0.17 32.79
CA SER G 250 -7.21 0.56 31.46
C SER G 250 -6.14 -0.41 30.99
N TYR G 251 -6.06 -0.64 29.69
CA TYR G 251 -5.11 -1.61 29.15
C TYR G 251 -3.66 -1.25 29.45
N GLN G 252 -2.85 -2.29 29.64
CA GLN G 252 -1.45 -2.14 29.99
C GLN G 252 -0.54 -2.55 28.83
N ASN G 253 -0.41 -3.86 28.64
CA ASN G 253 0.38 -4.41 27.54
C ASN G 253 -0.36 -4.22 26.23
N HIS G 254 0.24 -3.46 25.31
CA HIS G 254 -0.40 -3.16 24.04
C HIS G 254 -0.60 -4.42 23.20
N LYS G 255 0.12 -5.48 23.55
CA LYS G 255 -0.05 -6.76 22.88
C LYS G 255 -1.46 -7.29 23.11
N ILE G 256 -1.92 -7.19 24.35
CA ILE G 256 -3.30 -7.53 24.68
C ILE G 256 -4.27 -6.59 23.97
N THR G 257 -3.93 -5.31 23.97
CA THR G 257 -4.75 -4.28 23.32
C THR G 257 -4.94 -4.58 21.83
N GLN G 258 -3.86 -4.94 21.14
CA GLN G 258 -3.92 -5.26 19.72
C GLN G 258 -4.71 -6.53 19.44
N LEU G 259 -4.59 -7.50 20.35
CA LEU G 259 -5.29 -8.78 20.20
C LEU G 259 -6.80 -8.62 20.20
N LYS G 260 -7.28 -7.77 21.09
CA LYS G 260 -8.71 -7.50 21.23
C LYS G 260 -9.29 -6.89 19.95
N ILE G 261 -8.62 -5.87 19.42
CA ILE G 261 -9.10 -5.16 18.23
C ILE G 261 -9.31 -6.06 17.01
N GLU G 262 -8.38 -6.95 16.74
CA GLU G 262 -8.44 -7.82 15.57
C GLU G 262 -9.35 -9.03 15.74
N ASN G 263 -9.92 -9.19 16.93
CA ASN G 263 -10.77 -10.34 17.21
C ASN G 263 -12.17 -9.92 17.63
N ASN G 264 -12.29 -8.73 18.21
CA ASN G 264 -13.58 -8.22 18.65
C ASN G 264 -14.28 -7.42 17.57
N PRO G 265 -15.44 -7.90 17.12
CA PRO G 265 -16.21 -7.24 16.05
C PRO G 265 -16.50 -5.77 16.37
N PHE G 266 -16.69 -5.45 17.64
CA PHE G 266 -17.02 -4.09 18.03
C PHE G 266 -15.81 -3.17 17.93
N ALA G 267 -14.62 -3.77 17.91
CA ALA G 267 -13.37 -3.00 17.84
C ALA G 267 -12.82 -2.93 16.41
N LYS G 268 -13.66 -3.21 15.42
CA LYS G 268 -13.25 -3.17 14.02
C LYS G 268 -12.88 -1.78 13.52
N GLY G 269 -13.31 -0.76 14.25
CA GLY G 269 -13.03 0.62 13.90
C GLY G 269 -11.58 1.04 14.11
N PHE G 270 -10.78 0.14 14.67
CA PHE G 270 -9.38 0.44 14.98
C PHE G 270 -8.42 -0.42 14.17
N ARG G 271 -8.89 -0.94 13.04
CA ARG G 271 -8.08 -1.81 12.20
C ARG G 271 -7.54 -1.08 10.98
N VAL J 13 27.87 29.21 -15.96
CA VAL J 13 28.21 30.63 -15.88
C VAL J 13 26.99 31.46 -15.50
N LEU J 14 27.17 32.33 -14.52
CA LEU J 14 26.10 33.19 -14.02
C LEU J 14 26.37 34.66 -14.30
N PHE J 15 25.32 35.47 -14.24
CA PHE J 15 25.44 36.91 -14.45
C PHE J 15 25.60 37.63 -13.12
N SER J 16 26.04 38.89 -13.18
CA SER J 16 26.27 39.67 -11.98
C SER J 16 24.98 40.12 -11.33
N GLN J 17 25.05 40.43 -10.04
CA GLN J 17 23.91 40.92 -9.29
C GLN J 17 23.37 42.22 -9.87
N ALA J 18 24.28 43.06 -10.36
CA ALA J 18 23.91 44.34 -10.94
C ALA J 18 23.04 44.19 -12.17
N GLN J 19 23.53 43.40 -13.14
CA GLN J 19 22.81 43.16 -14.37
C GLN J 19 21.47 42.49 -14.09
N VAL J 20 21.50 41.45 -13.28
CA VAL J 20 20.32 40.66 -12.97
C VAL J 20 19.24 41.54 -12.33
N TYR J 21 19.64 42.32 -11.34
CA TYR J 21 18.72 43.23 -10.67
C TYR J 21 18.10 44.18 -11.69
N GLU J 22 18.93 44.66 -12.61
CA GLU J 22 18.48 45.57 -13.65
C GLU J 22 17.53 44.87 -14.62
N LEU J 23 17.82 43.61 -14.93
CA LEU J 23 16.94 42.80 -15.77
C LEU J 23 15.60 42.57 -15.10
N GLU J 24 15.62 42.41 -13.79
CA GLU J 24 14.39 42.21 -13.03
C GLU J 24 13.61 43.51 -12.93
N ARG J 25 14.32 44.62 -12.70
CA ARG J 25 13.69 45.92 -12.61
C ARG J 25 12.96 46.24 -13.92
N ARG J 26 13.58 45.87 -15.03
CA ARG J 26 13.00 46.10 -16.34
C ARG J 26 11.87 45.11 -16.61
N PHE J 27 12.05 43.87 -16.17
CA PHE J 27 11.02 42.85 -16.38
C PHE J 27 9.75 43.19 -15.60
N LYS J 28 9.89 43.86 -14.47
CA LYS J 28 8.76 44.28 -13.67
C LYS J 28 7.98 45.42 -14.34
N GLN J 29 8.56 45.97 -15.41
CA GLN J 29 7.93 47.04 -16.15
C GLN J 29 7.36 46.52 -17.47
N GLN J 30 8.21 45.83 -18.23
CA GLN J 30 7.80 45.24 -19.49
C GLN J 30 8.23 43.78 -19.56
N ARG J 31 7.28 42.89 -19.83
CA ARG J 31 7.57 41.46 -19.93
C ARG J 31 8.06 41.11 -21.33
N TYR J 32 7.72 41.93 -22.30
CA TYR J 32 8.18 41.73 -23.67
C TYR J 32 8.99 42.94 -24.14
N LEU J 33 10.02 42.69 -24.94
CA LEU J 33 10.88 43.75 -25.46
C LEU J 33 10.99 43.74 -26.99
N SER J 34 11.45 44.84 -27.55
CA SER J 34 11.70 44.92 -28.99
C SER J 34 13.20 44.93 -29.26
N ALA J 35 13.58 44.56 -30.46
CA ALA J 35 14.99 44.48 -30.86
C ALA J 35 15.82 45.73 -30.49
N PRO J 36 15.33 46.94 -30.77
CA PRO J 36 16.14 48.09 -30.36
C PRO J 36 16.25 48.22 -28.84
N GLU J 37 15.16 47.93 -28.13
CA GLU J 37 15.15 47.97 -26.68
C GLU J 37 16.09 46.90 -26.12
N ARG J 38 16.19 45.79 -26.85
CA ARG J 38 17.11 44.71 -26.47
C ARG J 38 18.55 45.16 -26.63
N ASP J 39 18.82 45.84 -27.74
CA ASP J 39 20.17 46.31 -28.05
C ASP J 39 20.68 47.28 -27.00
N GLN J 40 19.91 48.33 -26.76
CA GLN J 40 20.32 49.38 -25.83
C GLN J 40 20.53 48.85 -24.41
N LEU J 41 19.66 47.94 -23.97
CA LEU J 41 19.76 47.39 -22.63
C LEU J 41 20.96 46.46 -22.52
N ALA J 42 21.22 45.72 -23.59
CA ALA J 42 22.35 44.80 -23.63
C ALA J 42 23.67 45.54 -23.48
N SER J 43 23.84 46.58 -24.29
CA SER J 43 25.07 47.37 -24.29
C SER J 43 25.31 48.06 -22.95
N VAL J 44 24.23 48.55 -22.33
CA VAL J 44 24.32 49.16 -21.01
C VAL J 44 24.79 48.14 -19.99
N LEU J 45 24.21 46.95 -20.06
CA LEU J 45 24.54 45.86 -19.16
C LEU J 45 25.80 45.13 -19.62
N LYS J 46 26.40 45.61 -20.71
CA LYS J 46 27.61 45.02 -21.28
C LYS J 46 27.39 43.55 -21.62
N LEU J 47 26.20 43.25 -22.15
CA LEU J 47 25.88 41.91 -22.60
C LEU J 47 25.47 41.97 -24.06
N THR J 48 25.28 40.81 -24.68
CA THR J 48 24.84 40.75 -26.07
C THR J 48 23.31 40.76 -26.13
N SER J 49 22.77 41.12 -27.30
CA SER J 49 21.32 41.16 -27.47
C SER J 49 20.72 39.77 -27.35
N THR J 50 21.50 38.77 -27.73
CA THR J 50 21.06 37.38 -27.65
C THR J 50 20.82 36.94 -26.21
N GLN J 51 21.77 37.27 -25.33
CA GLN J 51 21.67 36.90 -23.92
C GLN J 51 20.46 37.55 -23.26
N VAL J 52 20.18 38.79 -23.63
CA VAL J 52 19.01 39.50 -23.12
C VAL J 52 17.74 38.85 -23.65
N LYS J 53 17.75 38.54 -24.94
CA LYS J 53 16.64 37.88 -25.61
C LYS J 53 16.27 36.59 -24.89
N ILE J 54 17.27 35.73 -24.69
CA ILE J 54 17.10 34.46 -24.00
C ILE J 54 16.62 34.63 -22.56
N TRP J 55 17.21 35.60 -21.85
CA TRP J 55 16.88 35.82 -20.44
C TRP J 55 15.38 36.01 -20.24
N PHE J 56 14.80 36.93 -21.02
CA PHE J 56 13.38 37.22 -20.95
C PHE J 56 12.55 35.99 -21.32
N GLN J 57 13.02 35.26 -22.33
CA GLN J 57 12.37 34.01 -22.74
C GLN J 57 12.25 33.06 -21.55
N ASN J 58 13.37 32.86 -20.84
CA ASN J 58 13.40 32.01 -19.67
C ASN J 58 12.53 32.58 -18.55
N ARG J 59 12.61 33.89 -18.37
CA ARG J 59 11.88 34.57 -17.30
C ARG J 59 10.37 34.48 -17.52
N ARG J 60 9.94 34.54 -18.78
CA ARG J 60 8.53 34.39 -19.12
C ARG J 60 8.01 33.00 -18.80
N TYR J 61 8.93 32.04 -18.69
CA TYR J 61 8.59 30.64 -18.54
C TYR J 61 8.78 30.18 -17.10
N LYS J 62 9.73 30.79 -16.41
CA LYS J 62 9.90 30.57 -14.98
C LYS J 62 8.79 31.25 -14.18
N SER J 63 8.15 32.25 -14.77
CA SER J 63 7.12 33.00 -14.05
C SER J 63 5.89 32.14 -13.74
N LYS J 64 5.43 31.36 -14.71
CA LYS J 64 4.31 30.45 -14.47
C LYS J 64 4.79 29.35 -13.51
N ARG J 65 3.92 28.93 -12.59
CA ARG J 65 4.30 27.91 -11.62
C ARG J 65 4.46 26.54 -12.29
N GLN J 66 4.92 25.55 -11.53
CA GLN J 66 5.09 24.18 -12.03
C GLN J 66 4.35 23.18 -11.15
N GLY J 87 -10.59 42.79 8.41
CA GLY J 87 -10.38 41.36 8.46
C GLY J 87 -9.23 40.90 7.60
N ILE J 88 -8.18 40.38 8.24
CA ILE J 88 -7.01 39.89 7.54
C ILE J 88 -6.66 38.48 8.01
N LYS J 89 -6.47 37.56 7.07
CA LYS J 89 -6.24 36.16 7.42
C LYS J 89 -4.94 35.59 6.84
N VAL J 90 -4.14 34.98 7.70
CA VAL J 90 -2.87 34.38 7.31
C VAL J 90 -2.89 32.87 7.56
N PHE J 91 -2.45 32.10 6.57
CA PHE J 91 -2.50 30.64 6.67
C PHE J 91 -1.14 29.98 6.47
N LEU J 92 -0.70 29.22 7.46
CA LEU J 92 0.56 28.49 7.39
C LEU J 92 0.37 27.20 6.59
N HIS J 93 1.07 27.07 5.47
CA HIS J 93 0.95 25.88 4.62
C HIS J 93 1.76 24.72 5.19
N GLU J 94 1.35 23.49 4.86
CA GLU J 94 1.96 22.26 5.37
C GLU J 94 1.99 22.26 6.90
N ARG J 95 0.90 22.72 7.49
CA ARG J 95 0.76 22.82 8.93
C ARG J 95 0.92 21.46 9.61
N GLU J 96 0.54 20.40 8.90
CA GLU J 96 0.66 19.04 9.42
C GLU J 96 2.10 18.69 9.78
N LEU J 97 3.04 19.07 8.91
CA LEU J 97 4.45 18.78 9.14
C LEU J 97 4.98 19.55 10.34
N TRP J 98 4.55 20.80 10.47
CA TRP J 98 4.93 21.62 11.62
C TRP J 98 4.43 20.98 12.91
N LEU J 99 3.18 20.51 12.88
CA LEU J 99 2.59 19.86 14.04
C LEU J 99 3.32 18.58 14.43
N LYS J 100 3.80 17.82 13.46
CA LYS J 100 4.60 16.63 13.75
C LYS J 100 5.87 16.98 14.52
N PHE J 101 6.60 17.99 14.04
CA PHE J 101 7.80 18.44 14.73
C PHE J 101 7.50 19.02 16.11
N HIS J 102 6.35 19.70 16.23
CA HIS J 102 6.02 20.44 17.44
C HIS J 102 5.87 19.57 18.69
N GLU J 103 5.07 18.51 18.59
CA GLU J 103 4.79 17.65 19.72
C GLU J 103 5.98 16.78 20.13
N VAL J 104 7.00 16.76 19.29
CA VAL J 104 8.23 16.03 19.60
C VAL J 104 9.22 16.98 20.24
N GLY J 105 9.14 18.25 19.84
CA GLY J 105 10.01 19.29 20.34
C GLY J 105 10.85 19.88 19.23
N THR J 106 10.33 20.93 18.60
CA THR J 106 10.97 21.51 17.43
C THR J 106 12.37 22.06 17.75
N GLU J 107 13.39 21.50 17.10
CA GLU J 107 14.75 21.99 17.24
C GLU J 107 15.24 22.57 15.92
N MET J 108 15.99 23.67 16.00
CA MET J 108 16.54 24.30 14.81
C MET J 108 18.04 24.48 14.94
N ILE J 109 18.77 24.11 13.88
CA ILE J 109 20.23 24.20 13.88
C ILE J 109 20.69 25.63 13.60
N ILE J 110 21.64 26.11 14.41
CA ILE J 110 22.25 27.41 14.17
C ILE J 110 23.75 27.28 13.94
N THR J 111 24.26 27.98 12.93
CA THR J 111 25.68 27.94 12.59
C THR J 111 26.29 29.33 12.63
N LYS J 112 27.62 29.38 12.69
CA LYS J 112 28.34 30.64 12.64
C LYS J 112 28.03 31.38 11.34
N ALA J 113 27.99 30.63 10.25
CA ALA J 113 27.74 31.17 8.92
C ALA J 113 26.27 31.51 8.70
N GLY J 114 25.38 30.84 9.43
CA GLY J 114 23.96 31.00 9.22
C GLY J 114 23.34 29.73 8.70
N ARG J 115 22.14 29.40 9.17
CA ARG J 115 21.51 28.14 8.81
C ARG J 115 20.02 28.31 8.44
N ARG J 116 19.59 27.62 7.39
CA ARG J 116 18.19 27.65 6.97
C ARG J 116 17.23 27.02 7.98
N MET J 117 15.96 27.40 7.88
CA MET J 117 14.91 26.80 8.70
C MET J 117 14.19 25.67 7.97
N PHE J 118 14.10 24.52 8.62
CA PHE J 118 13.24 23.44 8.14
C PHE J 118 12.36 22.95 9.28
N PRO J 119 11.03 22.89 9.06
CA PRO J 119 10.31 23.16 7.81
C PRO J 119 10.34 24.62 7.39
N SER J 120 10.07 24.87 6.12
CA SER J 120 10.09 26.22 5.58
C SER J 120 8.85 26.99 6.04
N TYR J 121 9.06 28.23 6.46
CA TYR J 121 7.97 29.04 6.97
C TYR J 121 7.20 29.64 5.79
N LYS J 122 6.31 28.83 5.22
CA LYS J 122 5.51 29.28 4.08
C LYS J 122 4.10 29.63 4.53
N VAL J 123 3.58 30.76 4.07
CA VAL J 123 2.24 31.18 4.46
C VAL J 123 1.42 31.74 3.30
N LYS J 124 0.11 31.61 3.43
CA LYS J 124 -0.82 32.27 2.52
C LYS J 124 -1.58 33.38 3.24
N VAL J 125 -1.69 34.54 2.59
CA VAL J 125 -2.38 35.67 3.19
C VAL J 125 -3.63 36.04 2.40
N THR J 126 -4.69 36.39 3.11
CA THR J 126 -5.96 36.77 2.48
C THR J 126 -6.61 37.94 3.22
N GLY J 127 -7.35 38.75 2.48
CA GLY J 127 -8.06 39.87 3.06
C GLY J 127 -7.29 41.17 3.02
N LEU J 128 -6.29 41.24 2.13
CA LEU J 128 -5.50 42.46 1.97
C LEU J 128 -6.03 43.37 0.87
N ASN J 129 -5.55 44.61 0.86
CA ASN J 129 -5.89 45.55 -0.19
C ASN J 129 -4.93 45.41 -1.37
N PRO J 130 -5.47 45.00 -2.53
CA PRO J 130 -4.70 44.72 -3.74
C PRO J 130 -3.86 45.91 -4.22
N LYS J 131 -4.38 47.12 -4.08
CA LYS J 131 -3.66 48.31 -4.52
C LYS J 131 -2.60 48.78 -3.54
N THR J 132 -2.91 48.72 -2.24
CA THR J 132 -2.00 49.22 -1.21
C THR J 132 -0.71 48.40 -1.11
N LYS J 133 0.44 49.08 -1.06
CA LYS J 133 1.71 48.38 -0.89
C LYS J 133 1.98 48.08 0.58
N TYR J 134 2.44 46.86 0.83
CA TYR J 134 2.72 46.40 2.19
C TYR J 134 4.17 45.97 2.35
N ILE J 135 4.56 45.72 3.59
CA ILE J 135 5.88 45.18 3.90
C ILE J 135 5.76 44.00 4.84
N LEU J 136 6.13 42.81 4.37
CA LEU J 136 6.12 41.63 5.22
C LEU J 136 7.52 41.35 5.73
N LEU J 137 7.62 41.09 7.03
CA LEU J 137 8.89 40.85 7.68
C LEU J 137 8.73 39.81 8.79
N MET J 138 9.84 39.22 9.22
CA MET J 138 9.80 38.25 10.29
C MET J 138 10.74 38.62 11.43
N ASP J 139 10.44 38.07 12.60
CA ASP J 139 11.33 38.16 13.74
C ASP J 139 11.08 36.97 14.65
N ILE J 140 12.09 36.61 15.43
CA ILE J 140 11.98 35.46 16.31
C ILE J 140 12.38 35.85 17.72
N VAL J 141 11.41 35.86 18.62
CA VAL J 141 11.66 36.25 20.00
C VAL J 141 11.66 35.03 20.92
N PRO J 142 12.41 35.12 22.03
CA PRO J 142 12.43 34.04 23.01
C PRO J 142 11.02 33.73 23.54
N ALA J 143 10.73 32.46 23.73
CA ALA J 143 9.43 32.05 24.24
C ALA J 143 9.32 32.31 25.74
N ASP J 144 10.37 31.95 26.47
CA ASP J 144 10.38 32.09 27.92
C ASP J 144 11.70 32.69 28.40
N ASP J 145 12.06 32.39 29.64
CA ASP J 145 13.28 32.92 30.24
C ASP J 145 14.18 31.83 30.80
N HIS J 146 14.08 30.63 30.22
CA HIS J 146 14.83 29.50 30.74
C HIS J 146 15.90 29.03 29.75
N ARG J 147 16.96 28.42 30.26
CA ARG J 147 17.96 27.78 29.41
C ARG J 147 17.90 26.27 29.60
N TYR J 148 17.63 25.55 28.51
CA TYR J 148 17.41 24.11 28.58
C TYR J 148 18.66 23.30 28.29
N LYS J 149 18.60 22.01 28.62
CA LYS J 149 19.61 21.05 28.21
C LYS J 149 18.94 19.70 27.99
N PHE J 150 19.57 18.82 27.24
CA PHE J 150 18.92 17.56 26.90
C PHE J 150 19.70 16.36 27.46
N ALA J 151 19.10 15.69 28.43
CA ALA J 151 19.71 14.52 29.06
C ALA J 151 18.66 13.45 29.38
N ASP J 152 19.03 12.19 29.12
CA ASP J 152 18.16 11.04 29.37
C ASP J 152 16.83 11.14 28.63
N ASN J 153 16.91 11.41 27.33
CA ASN J 153 15.72 11.56 26.47
C ASN J 153 14.74 12.56 27.06
N LYS J 154 15.28 13.64 27.62
CA LYS J 154 14.46 14.58 28.37
C LYS J 154 15.05 15.99 28.39
N TRP J 155 14.20 16.99 28.20
CA TRP J 155 14.63 18.39 28.34
C TRP J 155 14.51 18.84 29.79
N SER J 156 15.50 19.60 30.25
CA SER J 156 15.53 20.06 31.63
C SER J 156 16.12 21.47 31.73
N VAL J 157 15.42 22.34 32.47
CA VAL J 157 15.90 23.69 32.70
C VAL J 157 17.21 23.66 33.48
N THR J 158 18.30 24.02 32.82
CA THR J 158 19.60 23.98 33.47
C THR J 158 20.12 25.38 33.77
N GLY J 159 19.19 26.34 33.78
CA GLY J 159 19.54 27.71 34.10
C GLY J 159 18.56 28.71 33.50
N LYS J 160 18.92 29.99 33.59
CA LYS J 160 18.11 31.06 33.01
C LYS J 160 18.60 31.42 31.60
N ALA J 161 17.70 31.96 30.79
CA ALA J 161 18.05 32.43 29.46
C ALA J 161 19.09 33.54 29.53
N GLU J 162 20.16 33.38 28.75
CA GLU J 162 21.23 34.38 28.69
C GLU J 162 20.71 35.71 28.10
N PRO J 163 21.40 36.83 28.42
CA PRO J 163 21.00 38.14 27.91
C PRO J 163 21.00 38.20 26.38
N ALA J 164 19.79 38.14 25.82
CA ALA J 164 19.59 38.03 24.37
C ALA J 164 19.82 39.31 23.58
N MET J 165 21.00 39.45 23.00
CA MET J 165 21.31 40.55 22.10
C MET J 165 22.12 40.06 20.90
N PRO J 166 22.09 40.78 19.78
CA PRO J 166 21.24 41.95 19.47
C PRO J 166 19.89 41.52 18.94
N GLY J 167 19.19 42.44 18.29
CA GLY J 167 17.93 42.14 17.64
C GLY J 167 18.02 42.28 16.13
N ARG J 168 17.50 41.30 15.40
CA ARG J 168 17.51 41.36 13.94
C ARG J 168 16.21 40.82 13.34
N LEU J 169 15.83 41.39 12.19
CA LEU J 169 14.62 40.97 11.49
C LEU J 169 14.94 40.41 10.12
N TYR J 170 14.01 39.65 9.55
CA TYR J 170 14.14 39.21 8.18
C TYR J 170 13.03 39.81 7.33
N VAL J 171 13.37 40.81 6.53
CA VAL J 171 12.42 41.40 5.60
C VAL J 171 12.39 40.59 4.32
N HIS J 172 11.20 40.17 3.92
CA HIS J 172 11.00 39.36 2.72
C HIS J 172 11.47 40.11 1.47
N PRO J 173 12.21 39.40 0.59
CA PRO J 173 12.81 39.97 -0.62
C PRO J 173 11.85 40.77 -1.50
N ASP J 174 10.60 40.31 -1.59
CA ASP J 174 9.61 40.95 -2.44
C ASP J 174 9.05 42.24 -1.84
N SER J 175 9.55 42.63 -0.67
CA SER J 175 9.12 43.85 -0.02
C SER J 175 9.84 45.07 -0.58
N PRO J 176 9.12 46.20 -0.72
CA PRO J 176 7.69 46.32 -0.47
C PRO J 176 6.85 46.05 -1.72
N ALA J 177 5.68 45.45 -1.54
CA ALA J 177 4.81 45.14 -2.68
C ALA J 177 3.34 45.33 -2.33
N THR J 178 2.51 45.44 -3.36
CA THR J 178 1.07 45.58 -3.18
C THR J 178 0.47 44.31 -2.59
N GLY J 179 -0.68 44.45 -1.94
CA GLY J 179 -1.37 43.31 -1.35
C GLY J 179 -1.73 42.26 -2.37
N ALA J 180 -1.97 42.70 -3.60
CA ALA J 180 -2.29 41.80 -4.69
C ALA J 180 -1.17 40.82 -4.98
N HIS J 181 0.07 41.28 -4.83
CA HIS J 181 1.24 40.44 -5.11
C HIS J 181 1.43 39.36 -4.05
N TRP J 182 1.34 39.76 -2.79
CA TRP J 182 1.51 38.82 -1.69
C TRP J 182 0.42 37.75 -1.72
N MET J 183 -0.81 38.17 -1.99
CA MET J 183 -1.94 37.26 -2.00
C MET J 183 -1.98 36.40 -3.26
N ARG J 184 -1.22 36.78 -4.27
CA ARG J 184 -1.21 36.06 -5.54
C ARG J 184 -0.83 34.59 -5.34
N GLN J 185 0.19 34.35 -4.52
CA GLN J 185 0.63 33.00 -4.21
C GLN J 185 1.22 32.90 -2.79
N LEU J 186 1.78 31.75 -2.47
CA LEU J 186 2.39 31.54 -1.16
C LEU J 186 3.60 32.45 -0.95
N VAL J 187 3.87 32.77 0.32
CA VAL J 187 5.02 33.58 0.70
C VAL J 187 6.02 32.72 1.47
N SER J 188 7.20 32.54 0.91
CA SER J 188 8.21 31.65 1.49
C SER J 188 9.32 32.42 2.21
N PHE J 189 9.52 32.10 3.48
CA PHE J 189 10.61 32.69 4.25
C PHE J 189 11.73 31.67 4.43
N GLN J 190 11.95 30.84 3.42
CA GLN J 190 12.94 29.78 3.54
C GLN J 190 14.36 30.31 3.37
N LYS J 191 14.49 31.46 2.72
CA LYS J 191 15.79 32.06 2.52
C LYS J 191 16.29 32.67 3.81
N LEU J 192 15.39 32.82 4.77
CA LEU J 192 15.73 33.27 6.11
C LEU J 192 16.72 32.29 6.72
N LYS J 193 17.82 32.82 7.26
CA LYS J 193 18.86 31.97 7.83
C LYS J 193 19.14 32.39 9.28
N LEU J 194 19.56 31.44 10.10
CA LEU J 194 19.79 31.68 11.51
C LEU J 194 21.23 31.45 11.92
N THR J 195 21.79 32.39 12.67
CA THR J 195 23.17 32.30 13.12
C THR J 195 23.29 32.47 14.63
N ASN J 196 24.35 31.91 15.19
CA ASN J 196 24.64 32.07 16.61
C ASN J 196 25.69 33.15 16.82
N ASN J 197 26.32 33.55 15.72
CA ASN J 197 27.31 34.61 15.74
C ASN J 197 26.67 35.96 16.04
N HIS J 198 26.94 36.47 17.23
CA HIS J 198 26.38 37.75 17.66
C HIS J 198 26.98 38.91 16.88
N LEU J 199 28.04 38.62 16.13
CA LEU J 199 28.71 39.63 15.31
C LEU J 199 28.55 39.33 13.82
N ASP J 200 27.45 38.68 13.46
CA ASP J 200 27.17 38.33 12.07
C ASP J 200 27.11 39.57 11.17
N PRO J 201 27.85 39.54 10.05
CA PRO J 201 27.86 40.65 9.10
C PRO J 201 26.95 40.43 7.90
N PHE J 202 26.07 39.43 7.96
CA PHE J 202 25.23 39.11 6.82
C PHE J 202 23.78 39.56 7.02
N GLY J 203 23.41 39.83 8.27
CA GLY J 203 22.07 40.31 8.57
C GLY J 203 21.09 39.21 8.95
N HIS J 204 21.62 38.02 9.22
CA HIS J 204 20.78 36.89 9.63
C HIS J 204 20.30 37.07 11.06
N ILE J 205 19.14 36.53 11.38
CA ILE J 205 18.59 36.64 12.73
C ILE J 205 19.45 35.88 13.72
N ILE J 206 20.05 36.61 14.66
CA ILE J 206 20.95 36.02 15.64
C ILE J 206 20.18 35.45 16.83
N LEU J 207 20.49 34.21 17.19
CA LEU J 207 19.83 33.56 18.31
C LEU J 207 20.83 32.97 19.31
N ASN J 208 20.36 32.66 20.52
CA ASN J 208 21.18 32.01 21.54
C ASN J 208 20.87 30.51 21.63
N SER J 209 21.92 29.69 21.59
CA SER J 209 21.75 28.24 21.62
C SER J 209 21.16 27.73 22.92
N MET J 210 20.51 26.58 22.86
CA MET J 210 19.86 25.95 24.00
C MET J 210 18.79 26.86 24.60
N HIS J 211 18.13 27.62 23.72
CA HIS J 211 17.06 28.52 24.14
C HIS J 211 15.84 28.35 23.26
N LYS J 212 14.67 28.45 23.86
CA LYS J 212 13.41 28.25 23.15
C LYS J 212 12.96 29.55 22.49
N TYR J 213 12.46 29.46 21.27
CA TYR J 213 12.10 30.64 20.50
C TYR J 213 10.74 30.49 19.80
N GLN J 214 10.07 31.62 19.60
CA GLN J 214 8.81 31.64 18.87
C GLN J 214 8.85 32.67 17.74
N PRO J 215 8.74 32.21 16.49
CA PRO J 215 8.73 33.07 15.31
C PRO J 215 7.46 33.91 15.22
N ARG J 216 7.58 35.13 14.72
CA ARG J 216 6.43 36.01 14.57
C ARG J 216 6.39 36.61 13.17
N LEU J 217 5.22 36.61 12.56
CA LEU J 217 5.04 37.23 11.26
C LEU J 217 4.38 38.59 11.39
N HIS J 218 4.89 39.57 10.68
CA HIS J 218 4.34 40.92 10.74
C HIS J 218 4.02 41.47 9.37
N ILE J 219 2.90 42.16 9.27
CA ILE J 219 2.51 42.82 8.04
C ILE J 219 2.47 44.32 8.29
N VAL J 220 3.15 45.07 7.44
CA VAL J 220 3.30 46.51 7.63
C VAL J 220 2.81 47.24 6.39
N LYS J 221 2.66 48.56 6.50
CA LYS J 221 2.17 49.39 5.41
C LYS J 221 3.31 50.18 4.79
N ALA J 222 2.97 51.13 3.92
CA ALA J 222 3.96 51.97 3.27
C ALA J 222 3.35 53.33 2.97
N ASP J 223 2.02 53.38 3.08
CA ASP J 223 1.23 54.59 2.92
C ASP J 223 1.53 55.28 1.58
N ALA J 234 0.39 50.81 12.78
CA ALA J 234 -0.42 50.23 11.71
C ALA J 234 0.26 48.99 11.13
N PHE J 235 0.52 48.01 11.98
CA PHE J 235 1.09 46.74 11.54
C PHE J 235 0.49 45.57 12.31
N SER J 236 0.23 44.47 11.61
CA SER J 236 -0.45 43.32 12.20
C SER J 236 0.51 42.16 12.49
N THR J 237 0.34 41.54 13.65
CA THR J 237 1.20 40.45 14.08
C THR J 237 0.48 39.10 14.09
N HIS J 238 1.12 38.08 13.54
CA HIS J 238 0.58 36.73 13.53
C HIS J 238 1.54 35.72 14.15
N VAL J 239 1.09 35.05 15.20
CA VAL J 239 1.93 34.12 15.95
C VAL J 239 1.41 32.69 15.84
N PHE J 240 2.30 31.76 15.52
CA PHE J 240 1.95 30.35 15.45
C PHE J 240 2.72 29.55 16.50
N PRO J 241 2.06 29.21 17.61
CA PRO J 241 2.67 28.49 18.74
C PRO J 241 3.29 27.15 18.33
N GLU J 242 2.84 26.58 17.22
CA GLU J 242 3.36 25.31 16.73
C GLU J 242 4.72 25.51 16.08
N THR J 243 5.02 26.74 15.70
CA THR J 243 6.28 27.06 15.05
C THR J 243 7.36 27.38 16.08
N ALA J 244 6.99 27.33 17.36
CA ALA J 244 7.94 27.53 18.44
C ALA J 244 8.99 26.44 18.42
N PHE J 245 10.24 26.81 18.67
CA PHE J 245 11.32 25.85 18.59
C PHE J 245 12.42 26.14 19.60
N ILE J 246 13.42 25.28 19.62
CA ILE J 246 14.59 25.47 20.46
C ILE J 246 15.83 25.61 19.58
N ALA J 247 16.57 26.69 19.77
CA ALA J 247 17.80 26.89 19.01
C ALA J 247 18.89 25.99 19.55
N VAL J 248 19.47 25.19 18.68
CA VAL J 248 20.55 24.28 19.07
C VAL J 248 21.71 24.33 18.08
N THR J 249 22.90 23.95 18.56
CA THR J 249 24.08 23.92 17.71
C THR J 249 24.21 22.54 17.08
N SER J 250 23.52 21.56 17.67
CA SER J 250 23.49 20.21 17.14
C SER J 250 22.23 19.49 17.62
N TYR J 251 21.73 18.58 16.79
CA TYR J 251 20.49 17.85 17.08
C TYR J 251 20.67 17.04 18.35
N GLN J 252 19.58 16.80 19.08
CA GLN J 252 19.68 16.07 20.34
C GLN J 252 19.09 14.67 20.21
N ASN J 253 17.76 14.57 20.30
CA ASN J 253 17.10 13.28 20.10
C ASN J 253 17.07 12.95 18.62
N HIS J 254 17.67 11.81 18.27
CA HIS J 254 17.83 11.38 16.89
C HIS J 254 16.52 11.16 16.15
N LYS J 255 15.42 11.12 16.90
CA LYS J 255 14.10 11.01 16.30
C LYS J 255 13.81 12.22 15.43
N ILE J 256 14.12 13.41 15.94
CA ILE J 256 14.02 14.65 15.17
C ILE J 256 14.97 14.63 13.99
N THR J 257 16.19 14.15 14.24
CA THR J 257 17.21 14.08 13.21
C THR J 257 16.74 13.22 12.04
N GLN J 258 16.13 12.08 12.35
CA GLN J 258 15.59 11.21 11.31
C GLN J 258 14.39 11.88 10.65
N LEU J 259 13.65 12.64 11.44
CA LEU J 259 12.48 13.36 10.94
C LEU J 259 12.87 14.41 9.91
N LYS J 260 13.96 15.12 10.19
CA LYS J 260 14.47 16.12 9.25
C LYS J 260 14.88 15.44 7.95
N ILE J 261 15.66 14.38 8.09
CA ILE J 261 16.18 13.62 6.96
C ILE J 261 15.05 13.10 6.07
N GLU J 262 13.98 12.62 6.70
CA GLU J 262 12.87 12.02 5.97
C GLU J 262 11.92 13.07 5.37
N ASN J 263 12.16 14.35 5.68
CA ASN J 263 11.31 15.41 5.16
C ASN J 263 12.08 16.46 4.37
N ASN J 264 13.35 16.64 4.70
CA ASN J 264 14.20 17.61 4.00
C ASN J 264 14.90 16.96 2.81
N PRO J 265 14.58 17.43 1.60
CA PRO J 265 15.13 16.89 0.35
C PRO J 265 16.65 16.82 0.31
N PHE J 266 17.32 17.78 0.93
CA PHE J 266 18.78 17.85 0.87
C PHE J 266 19.46 16.76 1.68
N ALA J 267 18.73 16.17 2.61
CA ALA J 267 19.27 15.13 3.46
C ALA J 267 18.97 13.74 2.90
N LYS J 268 18.66 13.68 1.60
CA LYS J 268 18.35 12.41 0.95
C LYS J 268 19.54 11.47 0.92
N GLY J 269 20.74 12.04 1.07
CA GLY J 269 21.93 11.23 1.06
C GLY J 269 22.03 10.38 2.31
N PHE J 270 21.10 10.58 3.24
CA PHE J 270 21.11 9.85 4.50
C PHE J 270 19.85 9.01 4.69
N ARG J 271 19.18 8.69 3.58
CA ARG J 271 17.94 7.92 3.64
C ARG J 271 18.18 6.47 3.23
O1 PG4 M . 5.17 13.91 -18.77
C1 PG4 M . 6.51 13.68 -18.62
C2 PG4 M . 7.42 14.85 -18.49
O2 PG4 M . 8.70 14.64 -18.02
C3 PG4 M . 9.49 13.70 -18.61
C4 PG4 M . 10.93 13.62 -18.19
O3 PG4 M . 11.81 13.04 -19.07
C5 PG4 M . 13.16 13.12 -18.84
C6 PG4 M . 13.74 14.44 -18.46
O4 PG4 M . 14.94 14.44 -17.78
C7 PG4 M . 16.05 13.85 -18.36
C8 PG4 M . 17.25 13.61 -17.51
O5 PG4 M . 18.38 13.13 -18.12
O1 PG4 N . 38.58 -6.87 6.59
C1 PG4 N . 38.90 -8.22 6.52
C2 PG4 N . 39.70 -8.67 5.35
O2 PG4 N . 40.31 -9.91 5.45
C3 PG4 N . 40.87 -10.48 4.32
C4 PG4 N . 40.05 -11.47 3.57
O3 PG4 N . 40.66 -12.14 2.53
C5 PG4 N . 40.18 -13.36 2.13
C6 PG4 N . 40.97 -14.12 1.12
O4 PG4 N . 41.52 -15.33 1.49
C7 PG4 N . 42.23 -16.07 0.57
C8 PG4 N . 41.56 -16.38 -0.73
O5 PG4 N . 42.28 -16.14 -1.88
#